data_5I5P
#
_entry.id   5I5P
#
_cell.length_a   46.305
_cell.length_b   82.492
_cell.length_c   76.577
_cell.angle_alpha   90.000
_cell.angle_beta   98.590
_cell.angle_gamma   90.000
#
_symmetry.space_group_name_H-M   'P 1 21 1'
#
loop_
_entity.id
_entity.type
_entity.pdbx_description
1 polymer 'TRAP TRANSPORTER SOLUTE BINDING PROTEIN'
2 non-polymer 'P-HYDROXYBENZOIC ACID'
3 non-polymer DI(HYDROXYETHYL)ETHER
4 non-polymer 'BROMIDE ION'
5 water water
#
_entity_poly.entity_id   1
_entity_poly.type   'polypeptide(L)'
_entity_poly.pdbx_seq_one_letter_code
;(MSE)HHHHHHSSGVDLGTENLYFQS(MSE)EVVLKFHSFPP(MSE)PANSNAKFVKPWSEKVLAESNGEIKVEIYPA
(MSE)QLGGKPPQLVDQVRDGVVDIVWTVAGYTPGRFPHLEAFELPF(MSE)PASAEATSQALQEYVDTVAASDLKDYKV
LAVFCHAPGKIHTKEKVIKSAADLNG(MSE)K(MSE)RGPTRVITK(MSE)LEGLGATPVG(MSE)PVPAVAGALSKGVI
DG(MSE)VVPWEI(MSE)PSFKLHELTKAHTTVSGSRGLYTTPFLFL(MSE)NKAKYESLSDEHKKVIDNNAGLALAKLA
GQLWDGFEVPARKLALDAGGTIHSLSGGPLAE(MSE)KAAGEGLEKDWIKSANDRGLDGA(MSE)LVKTAKDLISKYDK
;
_entity_poly.pdbx_strand_id   A,B
#
loop_
_chem_comp.id
_chem_comp.type
_chem_comp.name
_chem_comp.formula
BR non-polymer 'BROMIDE ION' 'Br -1'
PEG non-polymer DI(HYDROXYETHYL)ETHER 'C4 H10 O3'
PHB non-polymer 'P-HYDROXYBENZOIC ACID' 'C7 H6 O3'
#
# COMPACT_ATOMS: atom_id res chain seq x y z
N MSE A 23 18.45 10.65 5.99
CA MSE A 23 19.07 11.32 4.85
C MSE A 23 18.27 11.17 3.54
O MSE A 23 17.67 10.12 3.32
CB MSE A 23 20.48 10.76 4.63
CG MSE A 23 21.18 11.39 3.45
SE MSE A 23 23.06 10.93 3.30
CE MSE A 23 23.60 12.50 2.27
HA MSE A 23 19.17 12.26 5.04
HB2 MSE A 23 21.01 10.93 5.43
HB3 MSE A 23 20.42 9.80 4.48
HG2 MSE A 23 20.73 11.10 2.64
HG3 MSE A 23 21.11 12.36 3.54
HE1 MSE A 23 24.55 12.44 2.09
HE2 MSE A 23 23.11 12.52 1.43
HE3 MSE A 23 23.42 13.29 2.79
N GLU A 24 18.26 12.19 2.70
CA GLU A 24 17.50 12.15 1.46
C GLU A 24 18.21 11.29 0.41
N VAL A 25 17.42 10.66 -0.45
CA VAL A 25 17.94 9.84 -1.53
C VAL A 25 17.05 10.03 -2.75
N VAL A 26 17.65 10.32 -3.90
CA VAL A 26 16.96 10.54 -5.15
C VAL A 26 17.10 9.28 -5.99
N LEU A 27 15.98 8.75 -6.47
CA LEU A 27 15.99 7.57 -7.33
C LEU A 27 15.45 7.98 -8.70
N LYS A 28 16.23 7.73 -9.74
CA LYS A 28 15.82 8.01 -11.12
C LYS A 28 14.96 6.86 -11.66
N PHE A 29 13.71 7.15 -11.96
CA PHE A 29 12.79 6.22 -12.63
C PHE A 29 12.72 6.54 -14.11
N HIS A 30 12.78 5.52 -14.96
CA HIS A 30 12.72 5.68 -16.40
C HIS A 30 11.72 4.69 -16.99
N SER A 31 10.91 5.14 -17.95
CA SER A 31 10.01 4.24 -18.67
C SER A 31 9.67 4.85 -20.03
N PHE A 32 8.98 4.05 -20.87
CA PHE A 32 8.67 4.47 -22.23
C PHE A 32 7.32 5.14 -22.49
N PRO A 33 6.23 4.86 -21.77
CA PRO A 33 4.96 5.53 -22.09
C PRO A 33 5.02 6.99 -21.72
N PRO A 34 4.20 7.81 -22.36
CA PRO A 34 4.09 9.21 -21.93
C PRO A 34 3.52 9.32 -20.53
N MSE A 35 3.71 10.49 -19.92
CA MSE A 35 3.29 10.73 -18.54
C MSE A 35 1.82 10.39 -18.24
O MSE A 35 1.54 9.81 -17.20
CB MSE A 35 3.58 12.19 -18.15
CG MSE A 35 3.49 12.40 -16.66
SE MSE A 35 4.74 11.33 -15.54
CE MSE A 35 3.36 10.80 -14.25
H MSE A 35 4.09 11.17 -20.29
HA MSE A 35 3.84 10.18 -17.97
HB2 MSE A 35 4.49 12.43 -18.43
HB3 MSE A 35 2.94 12.79 -18.58
HG2 MSE A 35 3.68 13.34 -16.48
HG3 MSE A 35 2.59 12.18 -16.39
HE1 MSE A 35 3.76 10.23 -13.57
HE2 MSE A 35 2.99 11.59 -13.84
HE3 MSE A 35 2.67 10.30 -14.71
N PRO A 36 0.86 10.69 -19.13
CA PRO A 36 -0.54 10.39 -18.79
C PRO A 36 -0.88 8.92 -18.81
N ALA A 37 -0.04 8.06 -19.37
CA ALA A 37 -0.36 6.65 -19.40
C ALA A 37 -0.52 6.13 -17.98
N ASN A 38 -1.42 5.15 -17.84
CA ASN A 38 -1.72 4.59 -16.53
C ASN A 38 -0.46 4.14 -15.77
N SER A 39 0.48 3.47 -16.46
CA SER A 39 1.65 2.95 -15.75
C SER A 39 2.42 4.07 -15.05
N ASN A 40 2.43 5.27 -15.62
CA ASN A 40 3.07 6.41 -14.97
C ASN A 40 2.09 7.11 -14.04
N ALA A 41 1.00 7.66 -14.59
CA ALA A 41 0.14 8.55 -13.80
C ALA A 41 -0.63 7.83 -12.70
N LYS A 42 -0.96 6.54 -12.86
CA LYS A 42 -1.83 5.84 -11.93
C LYS A 42 -1.15 4.65 -11.28
N PHE A 43 0.15 4.46 -11.54
CA PHE A 43 0.87 3.39 -10.85
C PHE A 43 2.18 3.91 -10.27
N VAL A 44 3.15 4.30 -11.10
CA VAL A 44 4.44 4.71 -10.56
C VAL A 44 4.35 6.01 -9.79
N LYS A 45 3.56 6.98 -10.27
CA LYS A 45 3.42 8.23 -9.53
C LYS A 45 2.84 7.99 -8.15
N PRO A 46 1.68 7.33 -7.98
CA PRO A 46 1.19 7.12 -6.62
C PRO A 46 2.09 6.21 -5.80
N TRP A 47 2.75 5.23 -6.42
CA TRP A 47 3.75 4.44 -5.72
C TRP A 47 4.82 5.34 -5.14
N SER A 48 5.32 6.26 -5.95
N SER A 48 5.34 6.26 -5.96
CA SER A 48 6.39 7.15 -5.48
CA SER A 48 6.37 7.18 -5.51
C SER A 48 5.87 8.08 -4.38
C SER A 48 5.86 8.04 -4.37
N GLU A 49 4.60 8.48 -4.45
CA GLU A 49 4.02 9.32 -3.39
C GLU A 49 3.90 8.56 -2.08
N LYS A 50 3.55 7.28 -2.13
CA LYS A 50 3.48 6.47 -0.92
C LYS A 50 4.86 6.30 -0.31
N VAL A 51 5.85 6.01 -1.16
CA VAL A 51 7.23 5.85 -0.72
C VAL A 51 7.72 7.16 -0.09
N LEU A 52 7.31 8.30 -0.64
CA LEU A 52 7.70 9.58 -0.08
C LEU A 52 7.07 9.79 1.29
N ALA A 53 5.76 9.57 1.38
CA ALA A 53 5.05 9.76 2.64
C ALA A 53 5.60 8.85 3.72
N GLU A 54 5.81 7.57 3.40
CA GLU A 54 6.24 6.60 4.41
C GLU A 54 7.71 6.73 4.76
N SER A 55 8.50 7.44 3.98
CA SER A 55 9.88 7.73 4.36
C SER A 55 10.03 9.15 4.88
N ASN A 56 8.91 9.82 5.16
CA ASN A 56 8.89 11.17 5.72
C ASN A 56 9.66 12.15 4.85
N GLY A 57 9.43 12.03 3.54
CA GLY A 57 10.00 12.92 2.59
C GLY A 57 11.39 12.60 2.14
N GLU A 58 11.99 11.49 2.59
CA GLU A 58 13.40 11.18 2.34
C GLU A 58 13.68 10.45 1.02
N ILE A 59 12.85 9.51 0.60
CA ILE A 59 13.07 8.75 -0.63
C ILE A 59 12.29 9.44 -1.74
N LYS A 60 13.01 10.07 -2.68
CA LYS A 60 12.44 10.94 -3.71
C LYS A 60 12.65 10.30 -5.07
N VAL A 61 11.59 9.77 -5.65
CA VAL A 61 11.64 9.22 -7.00
C VAL A 61 11.39 10.34 -8.00
N GLU A 62 12.29 10.47 -8.97
CA GLU A 62 12.15 11.39 -10.09
C GLU A 62 11.70 10.59 -11.30
N ILE A 63 10.54 10.93 -11.86
CA ILE A 63 9.91 10.17 -12.93
C ILE A 63 10.24 10.78 -14.29
N TYR A 64 10.88 9.99 -15.14
CA TYR A 64 11.21 10.34 -16.52
C TYR A 64 10.45 9.42 -17.47
N PRO A 65 9.31 9.85 -17.98
CA PRO A 65 8.52 9.05 -18.92
C PRO A 65 9.06 9.25 -20.33
N ALA A 66 8.43 8.57 -21.28
CA ALA A 66 8.71 8.79 -22.71
C ALA A 66 10.20 8.72 -23.05
N MSE A 67 10.92 7.79 -22.44
CA MSE A 67 12.35 7.63 -22.63
C MSE A 67 13.15 8.93 -22.54
O MSE A 67 14.14 9.14 -23.26
CB MSE A 67 12.60 6.97 -23.98
CG MSE A 67 11.97 5.59 -24.18
SE MSE A 67 12.40 4.32 -22.74
CE MSE A 67 14.32 4.19 -22.92
H MSE A 67 10.58 7.22 -21.88
HA MSE A 67 12.68 7.01 -21.95
HB2 MSE A 67 12.25 7.56 -24.67
HB3 MSE A 67 13.56 6.88 -24.10
HG2 MSE A 67 11.00 5.69 -24.21
HG3 MSE A 67 12.29 5.22 -25.01
HE1 MSE A 67 14.66 3.58 -22.24
HE2 MSE A 67 14.54 3.86 -23.80
HE3 MSE A 67 14.72 5.07 -22.78
N GLN A 68 12.74 9.80 -21.60
CA GLN A 68 13.36 11.12 -21.45
C GLN A 68 14.77 11.09 -20.81
N LEU A 69 15.35 9.92 -20.55
CA LEU A 69 16.75 9.83 -20.20
C LEU A 69 17.56 9.14 -21.28
N GLY A 70 16.96 8.88 -22.44
CA GLY A 70 17.68 8.39 -23.60
C GLY A 70 17.43 6.91 -23.85
N GLY A 71 17.56 6.52 -25.11
CA GLY A 71 17.46 5.12 -25.49
C GLY A 71 16.08 4.76 -25.99
N LYS A 72 15.96 3.46 -26.31
CA LYS A 72 14.73 2.85 -26.82
C LYS A 72 14.16 1.88 -25.79
N PRO A 73 12.87 1.53 -25.89
CA PRO A 73 12.24 0.75 -24.80
C PRO A 73 12.99 -0.52 -24.42
N PRO A 74 13.54 -1.31 -25.36
CA PRO A 74 14.21 -2.54 -24.95
C PRO A 74 15.42 -2.30 -24.07
N GLN A 75 15.97 -1.09 -24.06
CA GLN A 75 17.15 -0.80 -23.25
C GLN A 75 16.83 -0.54 -21.78
N LEU A 76 15.55 -0.41 -21.40
CA LEU A 76 15.26 -0.11 -20.01
C LEU A 76 15.84 -1.17 -19.07
N VAL A 77 15.75 -2.46 -19.42
CA VAL A 77 16.27 -3.48 -18.52
C VAL A 77 17.80 -3.37 -18.38
N ASP A 78 18.49 -3.03 -19.46
CA ASP A 78 19.95 -2.86 -19.35
C ASP A 78 20.27 -1.66 -18.47
N GLN A 79 19.53 -0.57 -18.65
CA GLN A 79 19.79 0.64 -17.87
C GLN A 79 19.65 0.38 -16.39
N VAL A 80 18.58 -0.29 -15.98
CA VAL A 80 18.37 -0.54 -14.57
C VAL A 80 19.33 -1.61 -14.05
N ARG A 81 19.67 -2.60 -14.89
CA ARG A 81 20.61 -3.62 -14.44
C ARG A 81 21.97 -3.00 -14.15
N ASP A 82 22.40 -2.08 -15.02
CA ASP A 82 23.75 -1.52 -14.94
C ASP A 82 23.84 -0.25 -14.09
N GLY A 83 22.71 0.26 -13.60
CA GLY A 83 22.72 1.43 -12.75
C GLY A 83 22.69 2.76 -13.49
N VAL A 84 22.44 2.75 -14.79
CA VAL A 84 22.23 3.99 -15.53
C VAL A 84 21.05 4.76 -14.94
N VAL A 85 19.99 4.05 -14.57
CA VAL A 85 18.87 4.59 -13.84
C VAL A 85 18.65 3.67 -12.64
N ASP A 86 17.76 4.08 -11.75
CA ASP A 86 17.56 3.30 -10.53
C ASP A 86 16.33 2.42 -10.57
N ILE A 87 15.28 2.81 -11.31
CA ILE A 87 14.02 2.07 -11.34
C ILE A 87 13.48 2.16 -12.76
N VAL A 88 12.91 1.05 -13.26
CA VAL A 88 12.19 1.08 -14.53
C VAL A 88 10.88 0.31 -14.40
N TRP A 89 9.96 0.65 -15.30
CA TRP A 89 8.78 -0.16 -15.60
C TRP A 89 8.84 -0.46 -17.09
N THR A 90 8.71 -1.74 -17.44
CA THR A 90 8.81 -2.11 -18.85
C THR A 90 8.08 -3.42 -19.11
N VAL A 91 8.11 -3.82 -20.38
CA VAL A 91 7.51 -5.07 -20.85
C VAL A 91 8.67 -6.06 -21.02
N ALA A 92 8.60 -7.21 -20.35
CA ALA A 92 9.73 -8.13 -20.34
C ALA A 92 10.10 -8.60 -21.74
N GLY A 93 9.10 -8.93 -22.56
CA GLY A 93 9.31 -9.44 -23.91
C GLY A 93 9.79 -8.45 -24.93
N TYR A 94 9.90 -7.16 -24.58
CA TYR A 94 10.54 -6.20 -25.48
C TYR A 94 12.00 -6.57 -25.72
N THR A 95 12.59 -7.37 -24.84
CA THR A 95 13.91 -7.97 -25.02
C THR A 95 13.76 -9.48 -25.20
N PRO A 96 13.65 -9.99 -26.42
CA PRO A 96 13.33 -11.40 -26.59
C PRO A 96 14.42 -12.31 -26.03
N GLY A 97 13.98 -13.41 -25.42
CA GLY A 97 14.84 -14.43 -24.84
C GLY A 97 15.49 -14.10 -23.51
N ARG A 98 15.43 -12.85 -23.04
CA ARG A 98 16.16 -12.48 -21.85
C ARG A 98 15.54 -13.04 -20.58
N PHE A 99 14.22 -13.21 -20.56
CA PHE A 99 13.49 -13.65 -19.38
C PHE A 99 12.65 -14.84 -19.81
N PRO A 100 13.29 -15.97 -20.13
CA PRO A 100 12.58 -17.08 -20.77
C PRO A 100 11.50 -17.70 -19.92
N HIS A 101 11.65 -17.75 -18.60
CA HIS A 101 10.60 -18.33 -17.77
C HIS A 101 9.28 -17.60 -17.94
N LEU A 102 9.34 -16.28 -18.11
CA LEU A 102 8.14 -15.47 -18.11
C LEU A 102 7.32 -15.66 -19.36
N GLU A 103 7.93 -16.18 -20.44
CA GLU A 103 7.22 -16.50 -21.68
C GLU A 103 6.02 -17.39 -21.43
N ALA A 104 6.08 -18.26 -20.42
CA ALA A 104 5.01 -19.19 -20.15
C ALA A 104 3.70 -18.47 -19.90
N PHE A 105 3.77 -17.29 -19.29
CA PHE A 105 2.56 -16.51 -19.03
C PHE A 105 2.02 -15.79 -20.23
N GLU A 106 2.75 -15.76 -21.34
CA GLU A 106 2.32 -15.16 -22.59
C GLU A 106 1.60 -16.12 -23.51
N LEU A 107 1.47 -17.40 -23.15
CA LEU A 107 0.92 -18.39 -24.06
C LEU A 107 -0.58 -18.16 -24.24
N PRO A 108 -1.13 -18.60 -25.36
CA PRO A 108 -2.54 -18.33 -25.64
C PRO A 108 -3.46 -18.88 -24.56
N PHE A 109 -4.43 -18.06 -24.17
CA PHE A 109 -5.48 -18.43 -23.25
C PHE A 109 -4.94 -18.84 -21.89
N MSE A 110 -3.77 -18.34 -21.54
CA MSE A 110 -3.26 -18.53 -20.20
C MSE A 110 -3.91 -17.68 -19.13
O MSE A 110 -4.16 -18.18 -18.05
CB MSE A 110 -1.75 -18.26 -20.18
CG MSE A 110 -1.09 -18.48 -18.83
SE MSE A 110 -1.01 -20.36 -18.27
CE MSE A 110 -0.93 -21.04 -19.88
H MSE A 110 -3.25 -17.88 -22.06
HA MSE A 110 -3.38 -19.47 -19.98
HB2 MSE A 110 -1.32 -18.85 -20.81
HB3 MSE A 110 -1.60 -17.34 -20.43
HG2 MSE A 110 -0.17 -18.16 -18.88
HG3 MSE A 110 -1.57 -17.99 -18.15
HE1 MSE A 110 -0.89 -22.01 -19.81
HE2 MSE A 110 -1.72 -20.78 -20.37
HE3 MSE A 110 -0.13 -20.71 -20.32
N PRO A 111 -4.20 -16.40 -19.38
CA PRO A 111 -4.53 -15.51 -18.27
C PRO A 111 -5.99 -15.47 -17.85
N ALA A 112 -6.18 -15.28 -16.54
CA ALA A 112 -7.46 -14.90 -15.96
C ALA A 112 -7.42 -13.39 -15.78
N SER A 113 -8.05 -12.89 -14.73
CA SER A 113 -7.93 -11.46 -14.44
C SER A 113 -6.46 -11.07 -14.22
N ALA A 114 -6.18 -9.80 -14.42
CA ALA A 114 -4.85 -9.30 -14.11
C ALA A 114 -4.56 -9.45 -12.62
N GLU A 115 -5.59 -9.34 -11.80
CA GLU A 115 -5.41 -9.55 -10.36
C GLU A 115 -4.92 -10.97 -10.07
N ALA A 116 -5.56 -11.97 -10.66
CA ALA A 116 -5.14 -13.35 -10.39
C ALA A 116 -3.81 -13.61 -11.06
N THR A 117 -3.65 -13.18 -12.31
CA THR A 117 -2.49 -13.56 -13.09
C THR A 117 -1.23 -12.84 -12.59
N SER A 118 -1.40 -11.62 -12.08
CA SER A 118 -0.26 -10.89 -11.54
C SER A 118 0.25 -11.55 -10.27
N GLN A 119 -0.65 -12.00 -9.39
CA GLN A 119 -0.17 -12.67 -8.19
C GLN A 119 0.56 -13.95 -8.55
N ALA A 120 0.01 -14.69 -9.52
CA ALA A 120 0.66 -15.91 -10.02
C ALA A 120 2.05 -15.59 -10.55
N LEU A 121 2.16 -14.50 -11.32
CA LEU A 121 3.46 -14.09 -11.87
C LEU A 121 4.46 -13.81 -10.75
N GLN A 122 4.04 -13.11 -9.71
CA GLN A 122 4.97 -12.77 -8.65
C GLN A 122 5.42 -14.01 -7.87
N GLU A 123 4.48 -14.89 -7.51
CA GLU A 123 4.90 -16.13 -6.84
C GLU A 123 5.80 -16.96 -7.76
N TYR A 124 5.50 -17.00 -9.05
CA TYR A 124 6.37 -17.67 -10.02
C TYR A 124 7.80 -17.11 -9.97
N VAL A 125 7.93 -15.78 -10.02
CA VAL A 125 9.22 -15.14 -9.99
C VAL A 125 9.90 -15.33 -8.64
N ASP A 126 9.13 -15.44 -7.57
CA ASP A 126 9.70 -15.65 -6.25
C ASP A 126 10.24 -17.06 -6.11
N THR A 127 9.82 -17.98 -6.97
CA THR A 127 10.18 -19.38 -6.85
C THR A 127 10.87 -19.84 -8.13
N VAL A 128 10.18 -20.56 -9.01
CA VAL A 128 10.83 -21.29 -10.09
C VAL A 128 11.44 -20.42 -11.16
N ALA A 129 11.02 -19.14 -11.27
CA ALA A 129 11.56 -18.25 -12.30
C ALA A 129 12.52 -17.23 -11.73
N ALA A 130 12.95 -17.41 -10.48
CA ALA A 130 13.78 -16.39 -9.83
C ALA A 130 15.07 -16.12 -10.60
N SER A 131 15.63 -17.13 -11.28
CA SER A 131 16.88 -16.94 -12.01
C SER A 131 16.76 -15.90 -13.12
N ASP A 132 15.55 -15.67 -13.64
CA ASP A 132 15.36 -14.68 -14.70
C ASP A 132 15.72 -13.28 -14.21
N LEU A 133 15.51 -13.02 -12.93
CA LEU A 133 15.57 -11.67 -12.40
C LEU A 133 16.62 -11.55 -11.30
N LYS A 134 17.53 -12.52 -11.23
CA LYS A 134 18.53 -12.53 -10.17
C LYS A 134 19.46 -11.30 -10.19
N ASP A 135 19.63 -10.64 -11.31
CA ASP A 135 20.51 -9.48 -11.41
C ASP A 135 19.82 -8.16 -11.06
N TYR A 136 18.58 -8.23 -10.59
CA TYR A 136 17.79 -7.04 -10.30
C TYR A 136 17.20 -7.14 -8.90
N LYS A 137 16.80 -6.01 -8.35
CA LYS A 137 15.88 -5.96 -7.22
C LYS A 137 14.47 -5.92 -7.77
N VAL A 138 13.70 -6.98 -7.52
CA VAL A 138 12.34 -7.04 -8.03
C VAL A 138 11.44 -6.21 -7.13
N LEU A 139 10.74 -5.23 -7.71
CA LEU A 139 9.69 -4.56 -6.98
C LEU A 139 8.38 -5.31 -7.18
N ALA A 140 7.99 -5.53 -8.43
CA ALA A 140 6.91 -6.47 -8.71
C ALA A 140 6.99 -6.89 -10.16
N VAL A 141 6.48 -8.10 -10.41
CA VAL A 141 6.18 -8.55 -11.76
C VAL A 141 4.67 -8.77 -11.81
N PHE A 142 4.03 -8.25 -12.86
CA PHE A 142 2.58 -8.31 -12.98
C PHE A 142 2.22 -8.18 -14.45
N CYS A 143 0.93 -8.03 -14.77
CA CYS A 143 0.50 -8.06 -16.17
C CYS A 143 -0.78 -7.26 -16.33
N HIS A 144 -1.16 -7.07 -17.60
CA HIS A 144 -2.40 -6.36 -17.89
C HIS A 144 -3.57 -7.34 -17.98
N ALA A 145 -4.78 -6.78 -17.93
CA ALA A 145 -5.95 -7.59 -18.20
C ALA A 145 -5.81 -8.17 -19.60
N PRO A 146 -6.35 -9.35 -19.86
CA PRO A 146 -6.12 -9.98 -21.15
C PRO A 146 -6.36 -9.05 -22.32
N GLY A 147 -5.45 -9.10 -23.27
CA GLY A 147 -5.51 -8.21 -24.41
C GLY A 147 -6.65 -8.53 -25.34
N LYS A 148 -6.97 -7.54 -26.19
CA LYS A 148 -8.02 -7.63 -27.17
C LYS A 148 -7.43 -7.43 -28.57
N ILE A 149 -8.22 -7.79 -29.59
CA ILE A 149 -7.85 -7.72 -30.99
C ILE A 149 -8.47 -6.45 -31.57
N HIS A 150 -7.64 -5.62 -32.22
CA HIS A 150 -8.08 -4.34 -32.75
C HIS A 150 -7.70 -4.22 -34.22
N THR A 151 -8.66 -3.78 -35.03
CA THR A 151 -8.45 -3.55 -36.45
C THR A 151 -9.10 -2.22 -36.86
N LYS A 152 -8.69 -1.69 -38.01
CA LYS A 152 -9.21 -0.40 -38.41
C LYS A 152 -10.72 -0.44 -38.58
N GLU A 153 -11.23 -1.44 -39.30
CA GLU A 153 -12.67 -1.50 -39.55
C GLU A 153 -13.24 -2.92 -39.63
N LYS A 154 -12.41 -3.92 -39.89
CA LYS A 154 -12.93 -5.27 -40.14
C LYS A 154 -13.24 -5.98 -38.83
N VAL A 155 -14.48 -6.42 -38.65
CA VAL A 155 -14.80 -7.18 -37.44
C VAL A 155 -14.16 -8.55 -37.52
N ILE A 156 -13.49 -8.95 -36.43
CA ILE A 156 -12.86 -10.27 -36.32
C ILE A 156 -13.87 -11.17 -35.62
N LYS A 157 -14.53 -12.02 -36.41
CA LYS A 157 -15.50 -13.01 -35.90
C LYS A 157 -14.87 -14.38 -35.72
N SER A 158 -13.74 -14.64 -36.35
CA SER A 158 -13.08 -15.93 -36.24
C SER A 158 -11.65 -15.76 -36.74
N ALA A 159 -10.85 -16.79 -36.52
CA ALA A 159 -9.46 -16.75 -36.95
C ALA A 159 -9.33 -16.43 -38.44
N ALA A 160 -10.25 -16.97 -39.26
CA ALA A 160 -10.15 -16.76 -40.70
C ALA A 160 -10.15 -15.29 -41.07
N ASP A 161 -10.83 -14.45 -40.29
CA ASP A 161 -10.88 -13.02 -40.60
C ASP A 161 -9.51 -12.36 -40.44
N LEU A 162 -8.57 -13.01 -39.78
CA LEU A 162 -7.21 -12.49 -39.66
C LEU A 162 -6.31 -12.88 -40.83
N ASN A 163 -6.76 -13.78 -41.71
CA ASN A 163 -5.92 -14.18 -42.84
C ASN A 163 -5.51 -12.96 -43.66
N GLY A 164 -4.20 -12.84 -43.88
CA GLY A 164 -3.65 -11.77 -44.69
C GLY A 164 -3.51 -10.44 -43.97
N MSE A 165 -3.95 -10.37 -42.73
N MSE A 165 -4.02 -10.32 -42.76
CA MSE A 165 -3.92 -9.13 -41.98
CA MSE A 165 -3.94 -9.05 -42.05
C MSE A 165 -2.62 -8.98 -41.24
C MSE A 165 -2.65 -8.96 -41.27
O MSE A 165 -2.14 -9.90 -40.61
O MSE A 165 -2.22 -9.90 -40.61
CB MSE A 165 -5.09 -9.12 -41.04
CB MSE A 165 -5.14 -8.86 -41.13
CG MSE A 165 -6.27 -9.34 -41.90
CG MSE A 165 -6.42 -8.61 -41.87
SE MSE A 165 -7.16 -7.66 -42.09
SE MSE A 165 -7.85 -8.35 -40.59
CE MSE A 165 -8.01 -8.30 -40.50
CE MSE A 165 -7.54 -6.46 -40.25
H MSE A 165 -4.27 -11.03 -42.29
H MSE A 165 -4.42 -10.95 -42.32
HA MSE A 165 -4.03 -8.38 -42.59
HA MSE A 165 -3.95 -8.33 -42.71
N LYS A 166 -2.03 -7.78 -41.36
CA LYS A 166 -0.76 -7.50 -40.72
C LYS A 166 -1.07 -6.99 -39.32
N MSE A 167 -0.72 -7.79 -38.31
CA MSE A 167 -1.17 -7.56 -36.94
C MSE A 167 0.02 -7.42 -36.03
O MSE A 167 0.86 -8.32 -35.97
CB MSE A 167 -2.05 -8.74 -36.46
CG MSE A 167 -3.30 -8.92 -37.32
SE MSE A 167 -4.53 -7.36 -37.12
CE MSE A 167 -5.24 -7.68 -35.30
H MSE A 167 -0.22 -8.48 -38.40
HA MSE A 167 -1.70 -6.76 -36.90
N ARG A 168 0.07 -6.32 -35.29
CA ARG A 168 1.12 -6.10 -34.30
C ARG A 168 0.91 -6.87 -32.99
N GLY A 169 2.00 -7.42 -32.47
CA GLY A 169 2.05 -7.93 -31.12
C GLY A 169 3.25 -7.36 -30.37
N PRO A 170 3.20 -7.40 -29.02
CA PRO A 170 4.28 -6.78 -28.21
C PRO A 170 5.56 -7.59 -28.11
N THR A 171 5.51 -8.91 -28.32
CA THR A 171 6.63 -9.81 -28.03
C THR A 171 6.59 -10.95 -29.04
N ARG A 172 7.72 -11.67 -29.13
CA ARG A 172 7.81 -12.77 -30.08
C ARG A 172 6.81 -13.88 -29.77
N VAL A 173 6.56 -14.17 -28.50
CA VAL A 173 5.56 -15.19 -28.17
C VAL A 173 4.19 -14.76 -28.70
N ILE A 174 3.82 -13.49 -28.50
CA ILE A 174 2.49 -13.06 -28.91
C ILE A 174 2.39 -12.97 -30.42
N THR A 175 3.47 -12.58 -31.13
CA THR A 175 3.40 -12.54 -32.60
C THR A 175 3.30 -13.96 -33.17
N LYS A 176 3.89 -14.92 -32.49
CA LYS A 176 3.69 -16.30 -32.92
C LYS A 176 2.26 -16.78 -32.68
N MSE A 177 1.60 -16.27 -31.63
CA MSE A 177 0.19 -16.57 -31.45
C MSE A 177 -0.58 -16.04 -32.65
O MSE A 177 -1.38 -16.76 -33.27
CB MSE A 177 -0.35 -15.97 -30.15
CG MSE A 177 -1.82 -16.28 -29.99
SE MSE A 177 -2.57 -15.35 -28.46
CE MSE A 177 -2.46 -13.57 -29.23
H MSE A 177 1.94 -15.78 -31.02
HA MSE A 177 0.07 -17.53 -31.40
N LEU A 178 -0.29 -14.79 -33.02
CA LEU A 178 -0.96 -14.17 -34.14
C LEU A 178 -0.73 -14.94 -35.45
N GLU A 179 0.50 -15.43 -35.67
CA GLU A 179 0.79 -16.24 -36.86
C GLU A 179 0.01 -17.54 -36.83
N GLY A 180 -0.06 -18.17 -35.66
CA GLY A 180 -0.87 -19.36 -35.48
C GLY A 180 -2.35 -19.18 -35.72
N LEU A 181 -2.87 -17.96 -35.56
CA LEU A 181 -4.25 -17.67 -35.88
C LEU A 181 -4.45 -17.28 -37.34
N GLY A 182 -3.40 -17.16 -38.13
CA GLY A 182 -3.52 -16.89 -39.54
C GLY A 182 -3.08 -15.50 -39.95
N ALA A 183 -2.69 -14.66 -39.01
CA ALA A 183 -2.29 -13.31 -39.33
C ALA A 183 -0.82 -13.27 -39.79
N THR A 184 -0.46 -12.13 -40.40
CA THR A 184 0.93 -11.83 -40.73
C THR A 184 1.47 -11.02 -39.56
N PRO A 185 2.37 -11.57 -38.76
CA PRO A 185 2.75 -10.90 -37.51
C PRO A 185 3.78 -9.82 -37.74
N VAL A 186 3.71 -8.79 -36.91
CA VAL A 186 4.70 -7.72 -36.84
C VAL A 186 4.91 -7.40 -35.37
N GLY A 187 6.15 -7.35 -34.92
CA GLY A 187 6.45 -7.00 -33.54
C GLY A 187 6.96 -5.57 -33.43
N MSE A 188 6.55 -4.88 -32.35
CA MSE A 188 7.10 -3.56 -32.02
C MSE A 188 6.60 -3.11 -30.66
O MSE A 188 5.52 -3.52 -30.25
CB MSE A 188 6.70 -2.53 -33.06
CG MSE A 188 5.21 -2.19 -33.04
SE MSE A 188 4.57 -1.24 -34.62
CE MSE A 188 4.70 -2.70 -35.90
H MSE A 188 5.95 -5.16 -31.80
HA MSE A 188 8.07 -3.62 -32.00
HB2 MSE A 188 7.20 -1.70 -32.90
HB3 MSE A 188 6.92 -2.87 -33.95
HG2 MSE A 188 4.71 -3.02 -32.98
HG3 MSE A 188 5.02 -1.64 -32.27
HE1 MSE A 188 4.41 -2.39 -36.76
HE2 MSE A 188 5.63 -3.00 -35.94
HE3 MSE A 188 4.13 -3.43 -35.60
N PRO A 189 7.37 -2.26 -29.97
CA PRO A 189 6.83 -1.63 -28.76
C PRO A 189 5.62 -0.76 -29.07
N VAL A 190 4.81 -0.54 -28.05
CA VAL A 190 3.53 0.12 -28.31
C VAL A 190 3.67 1.56 -28.80
N PRO A 191 4.69 2.36 -28.44
CA PRO A 191 4.70 3.74 -28.96
C PRO A 191 4.80 3.81 -30.47
N ALA A 192 5.22 2.72 -31.13
CA ALA A 192 5.36 2.68 -32.58
C ALA A 192 4.08 2.32 -33.31
N VAL A 193 3.01 1.95 -32.60
CA VAL A 193 1.86 1.32 -33.25
C VAL A 193 1.05 2.34 -34.05
N ALA A 194 0.81 3.53 -33.48
CA ALA A 194 -0.03 4.49 -34.18
C ALA A 194 0.59 4.85 -35.52
N GLY A 195 1.90 5.10 -35.54
CA GLY A 195 2.55 5.43 -36.78
C GLY A 195 2.48 4.30 -37.79
N ALA A 196 2.69 3.06 -37.31
CA ALA A 196 2.64 1.91 -38.21
C ALA A 196 1.25 1.75 -38.80
N LEU A 197 0.21 2.01 -38.00
CA LEU A 197 -1.15 1.99 -38.53
C LEU A 197 -1.33 3.06 -39.60
N SER A 198 -0.90 4.28 -39.31
CA SER A 198 -1.16 5.37 -40.26
C SER A 198 -0.40 5.18 -41.56
N LYS A 199 0.74 4.47 -41.52
CA LYS A 199 1.59 4.30 -42.70
C LYS A 199 1.36 2.97 -43.42
N GLY A 200 0.43 2.13 -42.95
CA GLY A 200 0.14 0.88 -43.63
C GLY A 200 1.06 -0.28 -43.31
N VAL A 201 1.96 -0.16 -42.34
CA VAL A 201 2.79 -1.28 -41.96
C VAL A 201 1.96 -2.35 -41.28
N ILE A 202 0.91 -1.96 -40.53
CA ILE A 202 -0.03 -2.90 -39.89
C ILE A 202 -1.47 -2.48 -40.16
N ASP A 203 -2.36 -3.48 -40.11
CA ASP A 203 -3.80 -3.34 -40.20
C ASP A 203 -4.47 -3.33 -38.83
N GLY A 204 -3.74 -3.66 -37.78
CA GLY A 204 -4.33 -3.85 -36.47
C GLY A 204 -3.28 -4.36 -35.51
N MSE A 205 -3.75 -4.67 -34.31
CA MSE A 205 -2.86 -5.06 -33.24
C MSE A 205 -3.61 -5.69 -32.11
O MSE A 205 -4.84 -5.59 -32.02
CB MSE A 205 -2.10 -3.86 -32.68
CG MSE A 205 -2.95 -2.92 -31.82
SE MSE A 205 -3.98 -1.75 -32.99
CE MSE A 205 -4.78 -0.61 -31.58
H MSE A 205 -4.57 -4.67 -34.09
HA MSE A 205 -2.21 -5.69 -33.58
N VAL A 206 -2.87 -6.35 -31.25
CA VAL A 206 -3.36 -6.73 -29.93
C VAL A 206 -2.75 -5.80 -28.88
N VAL A 207 -3.62 -5.33 -27.96
CA VAL A 207 -3.28 -4.56 -26.76
C VAL A 207 -4.47 -4.67 -25.81
N PRO A 208 -4.28 -4.53 -24.50
CA PRO A 208 -5.42 -4.26 -23.62
C PRO A 208 -6.00 -2.88 -23.92
N TRP A 209 -7.23 -2.66 -23.48
CA TRP A 209 -7.81 -1.33 -23.68
C TRP A 209 -6.96 -0.23 -23.05
N GLU A 210 -6.39 -0.50 -21.88
CA GLU A 210 -5.92 0.58 -21.00
C GLU A 210 -4.81 1.42 -21.60
N ILE A 211 -3.98 0.86 -22.48
CA ILE A 211 -2.86 1.59 -23.08
C ILE A 211 -3.27 2.41 -24.29
N MSE A 212 -4.46 2.18 -24.80
CA MSE A 212 -4.83 2.73 -26.12
C MSE A 212 -4.98 4.25 -26.11
O MSE A 212 -4.46 4.91 -27.04
CB MSE A 212 -6.08 2.03 -26.62
CG MSE A 212 -5.80 0.57 -27.01
SE MSE A 212 -7.36 -0.41 -27.56
CE MSE A 212 -7.75 0.52 -29.19
H MSE A 212 -5.08 1.71 -24.44
HA MSE A 212 -4.11 2.50 -26.73
HB2 MSE A 212 -6.74 2.03 -25.92
HB3 MSE A 212 -6.41 2.49 -27.41
HG2 MSE A 212 -5.17 0.55 -27.74
HG3 MSE A 212 -5.43 0.11 -26.24
HE1 MSE A 212 -8.54 0.12 -29.60
HE2 MSE A 212 -7.91 1.46 -28.99
HE3 MSE A 212 -7.00 0.44 -29.79
N PRO A 213 -5.69 4.82 -25.14
CA PRO A 213 -5.91 6.29 -25.22
C PRO A 213 -4.63 7.10 -25.16
N SER A 214 -3.58 6.59 -24.51
CA SER A 214 -2.29 7.29 -24.43
C SER A 214 -1.65 7.51 -25.78
N PHE A 215 -2.04 6.73 -26.79
CA PHE A 215 -1.51 6.83 -28.13
C PHE A 215 -2.59 7.03 -29.19
N LYS A 216 -3.81 7.36 -28.77
CA LYS A 216 -4.93 7.63 -29.67
C LYS A 216 -5.37 6.38 -30.43
N LEU A 217 -5.02 5.19 -29.93
CA LEU A 217 -5.23 3.96 -30.67
C LEU A 217 -6.72 3.59 -30.80
N HIS A 218 -7.55 4.08 -29.89
CA HIS A 218 -8.98 3.84 -29.97
C HIS A 218 -9.64 4.73 -31.00
N GLU A 219 -8.94 5.75 -31.50
CA GLU A 219 -9.42 6.55 -32.63
C GLU A 219 -8.96 5.95 -33.95
N LEU A 220 -7.82 5.28 -33.97
CA LEU A 220 -7.27 4.71 -35.18
C LEU A 220 -7.78 3.32 -35.47
N THR A 221 -8.37 2.64 -34.48
CA THR A 221 -9.01 1.35 -34.71
C THR A 221 -10.42 1.44 -34.18
N LYS A 222 -11.38 0.97 -34.96
CA LYS A 222 -12.77 1.04 -34.55
C LYS A 222 -13.42 -0.31 -34.34
N ALA A 223 -12.78 -1.40 -34.74
CA ALA A 223 -13.30 -2.74 -34.56
C ALA A 223 -12.48 -3.45 -33.50
N HIS A 224 -13.16 -4.03 -32.51
CA HIS A 224 -12.48 -4.64 -31.37
C HIS A 224 -13.12 -5.96 -31.02
N THR A 225 -12.29 -6.98 -30.79
CA THR A 225 -12.75 -8.32 -30.45
C THR A 225 -12.09 -8.80 -29.19
N THR A 226 -12.90 -9.38 -28.33
CA THR A 226 -12.44 -10.07 -27.14
C THR A 226 -12.95 -11.51 -27.15
N VAL A 227 -12.70 -12.23 -26.06
CA VAL A 227 -13.19 -13.60 -25.93
C VAL A 227 -14.02 -13.73 -24.66
N SER A 228 -15.03 -14.60 -24.73
CA SER A 228 -15.83 -15.01 -23.58
C SER A 228 -15.12 -16.13 -22.84
N GLY A 229 -15.70 -16.53 -21.71
CA GLY A 229 -15.17 -17.63 -20.94
C GLY A 229 -14.22 -17.15 -19.87
N SER A 230 -13.51 -18.12 -19.27
CA SER A 230 -12.77 -17.83 -18.06
C SER A 230 -11.30 -17.50 -18.29
N ARG A 231 -10.85 -17.56 -19.54
CA ARG A 231 -9.45 -17.27 -19.86
C ARG A 231 -9.41 -16.34 -21.06
N GLY A 232 -8.66 -15.25 -20.92
CA GLY A 232 -8.57 -14.26 -21.97
C GLY A 232 -7.53 -14.64 -23.01
N LEU A 233 -7.45 -13.83 -24.07
CA LEU A 233 -6.64 -14.19 -25.23
C LEU A 233 -5.16 -14.37 -24.86
N TYR A 234 -4.57 -13.40 -24.17
CA TYR A 234 -3.15 -13.44 -23.81
C TYR A 234 -2.92 -12.29 -22.85
N THR A 235 -1.76 -12.33 -22.18
CA THR A 235 -1.24 -11.16 -21.52
C THR A 235 0.27 -11.15 -21.72
N THR A 236 0.88 -10.05 -21.32
CA THR A 236 2.33 -10.03 -21.35
C THR A 236 2.87 -9.47 -20.04
N PRO A 237 3.89 -10.11 -19.47
CA PRO A 237 4.43 -9.65 -18.20
C PRO A 237 5.12 -8.29 -18.26
N PHE A 238 4.81 -7.49 -17.27
CA PHE A 238 5.47 -6.24 -16.95
C PHE A 238 6.50 -6.46 -15.85
N LEU A 239 7.61 -5.73 -15.95
CA LEU A 239 8.67 -5.73 -14.94
C LEU A 239 8.77 -4.34 -14.31
N PHE A 240 8.70 -4.32 -12.98
CA PHE A 240 8.89 -3.11 -12.17
C PHE A 240 10.11 -3.42 -11.30
N LEU A 241 11.24 -2.83 -11.65
CA LEU A 241 12.54 -3.28 -11.18
C LEU A 241 13.37 -2.12 -10.68
N MSE A 242 14.20 -2.43 -9.67
CA MSE A 242 15.17 -1.49 -9.12
C MSE A 242 16.59 -2.04 -9.29
O MSE A 242 16.81 -3.25 -9.29
CB MSE A 242 14.89 -1.20 -7.65
CG MSE A 242 15.83 -0.22 -7.00
SE MSE A 242 15.20 0.24 -5.21
CE MSE A 242 13.73 1.35 -5.66
H MSE A 242 14.21 -3.19 -9.28
HA MSE A 242 15.11 -0.65 -9.61
HB2 MSE A 242 13.98 -0.84 -7.57
HB3 MSE A 242 14.95 -2.03 -7.15
HG2 MSE A 242 16.71 -0.61 -6.93
HG3 MSE A 242 15.87 0.60 -7.53
HE1 MSE A 242 13.31 1.65 -4.84
HE2 MSE A 242 14.05 2.11 -6.16
HE3 MSE A 242 13.10 0.84 -6.18
N ASN A 243 17.53 -1.13 -9.48
CA ASN A 243 18.93 -1.53 -9.56
C ASN A 243 19.34 -2.18 -8.24
N LYS A 244 19.97 -3.35 -8.33
CA LYS A 244 20.25 -4.13 -7.14
C LYS A 244 21.26 -3.44 -6.24
N ALA A 245 22.33 -2.90 -6.82
CA ALA A 245 23.32 -2.17 -6.02
C ALA A 245 22.72 -0.97 -5.32
N LYS A 246 21.82 -0.24 -5.98
CA LYS A 246 21.22 0.91 -5.34
C LYS A 246 20.35 0.48 -4.17
N TYR A 247 19.52 -0.55 -4.38
CA TYR A 247 18.71 -1.06 -3.28
C TYR A 247 19.61 -1.47 -2.13
N GLU A 248 20.67 -2.21 -2.42
CA GLU A 248 21.55 -2.69 -1.34
C GLU A 248 22.20 -1.54 -0.56
N SER A 249 22.38 -0.37 -1.19
CA SER A 249 23.00 0.79 -0.54
C SER A 249 22.04 1.55 0.37
N LEU A 250 20.74 1.30 0.27
CA LEU A 250 19.79 2.00 1.11
C LEU A 250 19.99 1.58 2.55
N SER A 251 19.70 2.51 3.45
CA SER A 251 19.65 2.21 4.87
C SER A 251 18.61 1.13 5.12
N ASP A 252 18.76 0.43 6.24
CA ASP A 252 17.77 -0.57 6.61
C ASP A 252 16.38 0.05 6.65
N GLU A 253 16.28 1.28 7.14
CA GLU A 253 15.01 1.96 7.26
C GLU A 253 14.40 2.23 5.88
N HIS A 254 15.23 2.68 4.94
CA HIS A 254 14.74 2.94 3.59
C HIS A 254 14.44 1.63 2.86
N LYS A 255 15.27 0.61 3.07
CA LYS A 255 14.95 -0.71 2.53
C LYS A 255 13.55 -1.16 2.96
N LYS A 256 13.19 -0.95 4.23
CA LYS A 256 11.90 -1.45 4.67
C LYS A 256 10.75 -0.69 4.02
N VAL A 257 10.91 0.61 3.75
CA VAL A 257 9.89 1.34 2.99
C VAL A 257 9.74 0.75 1.59
N ILE A 258 10.86 0.49 0.91
CA ILE A 258 10.78 -0.08 -0.42
C ILE A 258 10.09 -1.42 -0.36
N ASP A 259 10.53 -2.26 0.58
CA ASP A 259 9.99 -3.61 0.63
C ASP A 259 8.55 -3.64 1.08
N ASN A 260 8.14 -2.68 1.90
CA ASN A 260 6.73 -2.51 2.22
C ASN A 260 5.92 -2.11 1.00
N ASN A 261 6.57 -1.66 -0.07
CA ASN A 261 5.90 -1.30 -1.31
C ASN A 261 6.40 -2.18 -2.46
N ALA A 262 6.62 -3.46 -2.17
CA ALA A 262 7.14 -4.40 -3.16
C ALA A 262 6.52 -5.76 -2.89
N GLY A 263 6.82 -6.71 -3.77
CA GLY A 263 6.43 -8.09 -3.55
C GLY A 263 4.99 -8.43 -3.92
N LEU A 264 4.51 -9.55 -3.36
CA LEU A 264 3.20 -10.08 -3.73
C LEU A 264 2.08 -9.07 -3.50
N ALA A 265 2.12 -8.29 -2.39
CA ALA A 265 1.05 -7.32 -2.17
C ALA A 265 1.05 -6.28 -3.26
N LEU A 266 2.23 -5.90 -3.74
CA LEU A 266 2.25 -4.93 -4.83
C LEU A 266 1.76 -5.54 -6.13
N ALA A 267 2.19 -6.77 -6.43
CA ALA A 267 1.68 -7.44 -7.62
C ALA A 267 0.16 -7.54 -7.61
N LYS A 268 -0.41 -7.90 -6.45
CA LYS A 268 -1.88 -7.97 -6.34
C LYS A 268 -2.52 -6.62 -6.60
N LEU A 269 -2.03 -5.57 -5.92
CA LEU A 269 -2.55 -4.23 -6.13
C LEU A 269 -2.43 -3.84 -7.59
N ALA A 270 -1.27 -4.07 -8.20
CA ALA A 270 -1.07 -3.75 -9.62
C ALA A 270 -2.09 -4.45 -10.49
N GLY A 271 -2.28 -5.75 -10.27
CA GLY A 271 -3.26 -6.47 -11.09
C GLY A 271 -4.67 -5.92 -10.92
N GLN A 272 -5.06 -5.59 -9.68
CA GLN A 272 -6.36 -4.97 -9.43
C GLN A 272 -6.49 -3.66 -10.18
N LEU A 273 -5.43 -2.84 -10.15
CA LEU A 273 -5.42 -1.57 -10.86
C LEU A 273 -5.59 -1.78 -12.35
N TRP A 274 -4.81 -2.72 -12.93
CA TRP A 274 -4.88 -2.95 -14.37
C TRP A 274 -6.24 -3.52 -14.78
N ASP A 275 -6.88 -4.35 -13.94
CA ASP A 275 -8.24 -4.75 -14.27
C ASP A 275 -9.15 -3.53 -14.37
N GLY A 276 -9.02 -2.60 -13.41
CA GLY A 276 -9.85 -1.42 -13.40
C GLY A 276 -9.58 -0.47 -14.54
N PHE A 277 -8.32 -0.38 -14.98
CA PHE A 277 -7.95 0.56 -16.05
C PHE A 277 -8.67 0.23 -17.35
N GLU A 278 -9.08 -1.02 -17.54
CA GLU A 278 -9.76 -1.35 -18.78
C GLU A 278 -11.07 -0.60 -18.93
N VAL A 279 -11.72 -0.29 -17.82
CA VAL A 279 -13.11 0.20 -17.86
C VAL A 279 -13.17 1.58 -18.49
N PRO A 280 -12.47 2.59 -17.99
CA PRO A 280 -12.57 3.90 -18.64
C PRO A 280 -12.03 3.90 -20.05
N ALA A 281 -11.03 3.07 -20.35
CA ALA A 281 -10.46 3.04 -21.69
C ALA A 281 -11.41 2.43 -22.71
N ARG A 282 -12.10 1.34 -22.33
CA ARG A 282 -13.13 0.75 -23.18
C ARG A 282 -14.22 1.78 -23.48
N LYS A 283 -14.59 2.56 -22.45
CA LYS A 283 -15.64 3.55 -22.65
C LYS A 283 -15.19 4.61 -23.65
N LEU A 284 -13.93 5.06 -23.56
CA LEU A 284 -13.44 5.99 -24.57
C LEU A 284 -13.50 5.40 -25.97
N ALA A 285 -13.16 4.10 -26.10
CA ALA A 285 -13.14 3.47 -27.42
C ALA A 285 -14.54 3.34 -27.99
N LEU A 286 -15.52 3.02 -27.15
CA LEU A 286 -16.88 2.90 -27.68
C LEU A 286 -17.49 4.26 -27.94
N ASP A 287 -17.17 5.25 -27.09
CA ASP A 287 -17.63 6.61 -27.33
C ASP A 287 -17.06 7.18 -28.63
N ALA A 288 -15.91 6.68 -29.06
CA ALA A 288 -15.29 7.07 -30.31
C ALA A 288 -15.90 6.37 -31.53
N GLY A 289 -16.90 5.52 -31.34
CA GLY A 289 -17.55 4.87 -32.46
C GLY A 289 -17.14 3.43 -32.68
N GLY A 290 -16.50 2.80 -31.72
CA GLY A 290 -16.01 1.43 -31.90
C GLY A 290 -17.09 0.40 -31.66
N THR A 291 -16.84 -0.80 -32.19
CA THR A 291 -17.62 -1.99 -31.90
C THR A 291 -16.79 -2.92 -31.03
N ILE A 292 -17.46 -3.71 -30.20
CA ILE A 292 -16.80 -4.74 -29.40
C ILE A 292 -17.59 -6.03 -29.57
N HIS A 293 -16.92 -7.07 -30.05
CA HIS A 293 -17.48 -8.38 -30.36
C HIS A 293 -16.74 -9.38 -29.49
N SER A 294 -17.47 -10.32 -28.90
CA SER A 294 -16.88 -11.34 -28.04
C SER A 294 -17.02 -12.72 -28.66
N LEU A 295 -15.92 -13.43 -28.83
CA LEU A 295 -15.98 -14.76 -29.43
C LEU A 295 -16.48 -15.79 -28.43
N SER A 296 -17.28 -16.72 -28.94
CA SER A 296 -17.73 -17.87 -28.18
C SER A 296 -17.87 -19.05 -29.12
N GLY A 297 -18.32 -20.17 -28.58
CA GLY A 297 -18.68 -21.31 -29.42
C GLY A 297 -17.57 -21.78 -30.33
N GLY A 298 -17.94 -22.09 -31.58
CA GLY A 298 -17.02 -22.62 -32.55
C GLY A 298 -15.82 -21.73 -32.80
N PRO A 299 -16.04 -20.43 -33.03
CA PRO A 299 -14.89 -19.55 -33.28
C PRO A 299 -13.90 -19.53 -32.12
N LEU A 300 -14.40 -19.50 -30.88
CA LEU A 300 -13.53 -19.51 -29.72
C LEU A 300 -12.77 -20.83 -29.62
N ALA A 301 -13.48 -21.94 -29.82
CA ALA A 301 -12.84 -23.25 -29.69
C ALA A 301 -11.72 -23.39 -30.70
N GLU A 302 -11.92 -22.85 -31.89
CA GLU A 302 -10.92 -22.94 -32.92
C GLU A 302 -9.66 -22.17 -32.53
N MSE A 303 -9.82 -20.99 -31.94
CA MSE A 303 -8.68 -20.23 -31.48
C MSE A 303 -7.97 -20.97 -30.38
O MSE A 303 -6.74 -21.01 -30.35
CB MSE A 303 -9.08 -18.86 -31.00
CG MSE A 303 -9.48 -17.93 -32.11
SE MSE A 303 -9.18 -16.08 -31.57
CE MSE A 303 -9.68 -15.24 -33.27
H MSE A 303 -10.59 -20.61 -31.79
HA MSE A 303 -8.07 -20.11 -32.23
HB2 MSE A 303 -9.85 -18.95 -30.40
HB3 MSE A 303 -8.34 -18.46 -30.51
HG2 MSE A 303 -8.93 -18.11 -32.89
HG3 MSE A 303 -10.41 -18.04 -32.31
HE1 MSE A 303 -9.59 -14.27 -33.17
HE2 MSE A 303 -9.08 -15.56 -33.96
HE3 MSE A 303 -10.59 -15.47 -33.48
N LYS A 304 -8.73 -21.56 -29.46
CA LYS A 304 -8.08 -22.25 -28.36
C LYS A 304 -7.34 -23.48 -28.85
N ALA A 305 -7.88 -24.20 -29.84
CA ALA A 305 -7.17 -25.36 -30.37
C ALA A 305 -5.86 -24.95 -31.04
N ALA A 306 -5.88 -23.86 -31.80
CA ALA A 306 -4.65 -23.32 -32.35
C ALA A 306 -3.66 -22.98 -31.25
N GLY A 307 -4.15 -22.35 -30.18
CA GLY A 307 -3.28 -21.99 -29.07
C GLY A 307 -2.55 -23.19 -28.49
N GLU A 308 -3.25 -24.32 -28.33
CA GLU A 308 -2.64 -25.52 -27.78
C GLU A 308 -1.41 -25.92 -28.57
N GLY A 309 -1.43 -25.69 -29.88
CA GLY A 309 -0.27 -26.00 -30.70
C GLY A 309 0.94 -25.15 -30.34
N LEU A 310 0.73 -23.84 -30.12
CA LEU A 310 1.84 -22.98 -29.73
C LEU A 310 2.34 -23.34 -28.34
N GLU A 311 1.44 -23.71 -27.45
CA GLU A 311 1.85 -24.20 -26.13
C GLU A 311 2.80 -25.40 -26.25
N LYS A 312 2.40 -26.39 -27.06
CA LYS A 312 3.26 -27.54 -27.31
C LYS A 312 4.59 -27.11 -27.90
N ASP A 313 4.57 -26.17 -28.85
CA ASP A 313 5.82 -25.73 -29.44
C ASP A 313 6.64 -24.96 -28.43
N TRP A 314 6.01 -24.20 -27.53
CA TRP A 314 6.78 -23.47 -26.53
C TRP A 314 7.50 -24.42 -25.57
N ILE A 315 6.80 -25.47 -25.13
CA ILE A 315 7.42 -26.45 -24.24
C ILE A 315 8.68 -27.02 -24.88
N LYS A 316 8.61 -27.37 -26.17
CA LYS A 316 9.82 -27.81 -26.86
C LYS A 316 10.92 -26.74 -26.84
N SER A 317 10.54 -25.48 -27.11
N SER A 317 10.55 -25.47 -27.11
CA SER A 317 11.50 -24.39 -27.14
CA SER A 317 11.54 -24.40 -27.14
C SER A 317 12.13 -24.17 -25.77
C SER A 317 12.13 -24.16 -25.75
N ALA A 318 11.32 -24.27 -24.71
CA ALA A 318 11.85 -24.14 -23.36
C ALA A 318 12.80 -25.29 -23.05
N ASN A 319 12.40 -26.52 -23.40
CA ASN A 319 13.28 -27.66 -23.22
C ASN A 319 14.64 -27.43 -23.87
N ASP A 320 14.63 -26.96 -25.11
CA ASP A 320 15.85 -26.74 -25.88
C ASP A 320 16.73 -25.65 -25.29
N ARG A 321 16.17 -24.79 -24.45
CA ARG A 321 16.92 -23.78 -23.74
C ARG A 321 17.23 -24.20 -22.31
N GLY A 322 17.06 -25.48 -21.98
CA GLY A 322 17.44 -26.02 -20.69
C GLY A 322 16.41 -25.91 -19.59
N LEU A 323 15.17 -25.54 -19.91
CA LEU A 323 14.11 -25.41 -18.93
C LEU A 323 13.13 -26.56 -19.06
N ASP A 324 12.46 -26.88 -17.97
CA ASP A 324 11.43 -27.93 -17.99
C ASP A 324 10.13 -27.26 -18.41
N GLY A 325 9.92 -27.17 -19.73
CA GLY A 325 8.78 -26.41 -20.25
C GLY A 325 7.44 -26.90 -19.73
N ALA A 326 7.26 -28.23 -19.70
CA ALA A 326 5.99 -28.77 -19.26
C ALA A 326 5.70 -28.43 -17.81
N MSE A 327 6.72 -28.47 -16.95
N MSE A 327 6.72 -28.47 -16.96
CA MSE A 327 6.52 -28.16 -15.54
CA MSE A 327 6.54 -28.15 -15.55
C MSE A 327 6.21 -26.68 -15.37
C MSE A 327 6.18 -26.68 -15.40
O MSE A 327 5.39 -26.31 -14.53
O MSE A 327 5.29 -26.33 -14.62
CB MSE A 327 7.74 -28.55 -14.70
CB MSE A 327 7.81 -28.50 -14.77
CG MSE A 327 7.59 -28.21 -13.21
CG MSE A 327 7.76 -28.12 -13.30
SE MSE A 327 9.16 -28.57 -12.11
SE MSE A 327 8.31 -26.27 -12.94
CE MSE A 327 8.71 -30.39 -11.53
CE MSE A 327 10.22 -26.38 -13.26
H MSE A 327 7.53 -28.68 -17.16
H MSE A 327 7.53 -28.68 -17.17
HA MSE A 327 5.76 -28.67 -15.21
HA MSE A 327 5.81 -28.70 -15.20
HB2 MSE A 327 7.89 -29.50 -14.78
HB2 MSE A 327 7.96 -29.46 -14.82
HB3 MSE A 327 8.51 -28.07 -15.03
HB3 MSE A 327 8.56 -28.03 -15.17
HG2 MSE A 327 7.38 -27.27 -13.13
HG2 MSE A 327 6.85 -28.23 -12.98
HG3 MSE A 327 6.86 -28.74 -12.85
HG3 MSE A 327 8.36 -28.71 -12.81
HE1 MSE A 327 9.42 -30.73 -10.96
HE1 MSE A 327 10.62 -25.51 -13.12
HE2 MSE A 327 7.87 -30.37 -11.04
HE2 MSE A 327 10.60 -27.03 -12.66
HE3 MSE A 327 8.61 -30.96 -12.31
HE3 MSE A 327 10.37 -26.66 -14.18
N LEU A 328 6.86 -25.83 -16.17
CA LEU A 328 6.63 -24.40 -16.04
C LEU A 328 5.21 -24.05 -16.47
N VAL A 329 4.72 -24.65 -17.56
CA VAL A 329 3.34 -24.39 -17.99
C VAL A 329 2.36 -24.86 -16.93
N LYS A 330 2.56 -26.07 -16.38
CA LYS A 330 1.67 -26.54 -15.32
C LYS A 330 1.71 -25.60 -14.13
N THR A 331 2.91 -25.18 -13.72
CA THR A 331 3.04 -24.32 -12.56
C THR A 331 2.31 -22.99 -12.78
N ALA A 332 2.46 -22.41 -13.96
CA ALA A 332 1.78 -21.17 -14.29
C ALA A 332 0.28 -21.36 -14.20
N LYS A 333 -0.23 -22.42 -14.83
CA LYS A 333 -1.67 -22.64 -14.82
C LYS A 333 -2.20 -22.83 -13.41
N ASP A 334 -1.48 -23.61 -12.59
CA ASP A 334 -1.92 -23.87 -11.24
C ASP A 334 -1.84 -22.61 -10.39
N LEU A 335 -0.86 -21.74 -10.62
CA LEU A 335 -0.81 -20.51 -9.83
C LEU A 335 -1.93 -19.55 -10.22
N ILE A 336 -2.29 -19.49 -11.51
CA ILE A 336 -3.38 -18.63 -11.93
C ILE A 336 -4.68 -19.10 -11.30
N SER A 337 -4.93 -20.43 -11.29
CA SER A 337 -6.16 -20.92 -10.67
C SER A 337 -6.15 -20.70 -9.16
N LYS A 338 -4.97 -20.77 -8.54
CA LYS A 338 -4.86 -20.54 -7.10
C LYS A 338 -5.35 -19.17 -6.72
N TYR A 339 -5.06 -18.17 -7.54
CA TYR A 339 -5.38 -16.79 -7.21
C TYR A 339 -6.67 -16.30 -7.87
N ASP A 340 -7.34 -17.14 -8.65
CA ASP A 340 -8.55 -16.74 -9.36
C ASP A 340 -9.78 -16.73 -8.44
N LYS A 341 -9.69 -15.96 -7.36
CA LYS A 341 -10.81 -15.80 -6.42
C LYS A 341 -11.56 -14.49 -6.65
N SER B 22 15.43 23.42 47.97
CA SER B 22 14.81 23.03 46.72
C SER B 22 14.98 24.14 45.67
N MSE B 23 14.76 23.78 44.41
CA MSE B 23 15.20 24.60 43.30
C MSE B 23 14.31 24.40 42.07
O MSE B 23 13.71 23.34 41.92
CB MSE B 23 16.63 24.22 43.01
CG MSE B 23 17.24 24.80 41.78
SE MSE B 23 19.01 23.98 41.65
CE MSE B 23 19.77 24.65 43.32
HA MSE B 23 15.17 25.53 43.57
HB2 MSE B 23 17.18 24.50 43.76
HB3 MSE B 23 16.68 23.25 42.93
HG2 MSE B 23 16.72 24.55 41.00
HG3 MSE B 23 17.34 25.75 41.87
HE1 MSE B 23 20.69 24.33 43.41
HE2 MSE B 23 19.78 25.63 43.30
HE3 MSE B 23 19.24 24.34 44.07
N GLU B 24 14.24 25.39 41.21
CA GLU B 24 13.40 25.30 40.02
C GLU B 24 14.07 24.48 38.93
N VAL B 25 13.26 23.78 38.14
CA VAL B 25 13.73 23.02 36.98
C VAL B 25 12.77 23.22 35.82
N VAL B 26 13.29 23.63 34.68
CA VAL B 26 12.52 23.80 33.46
C VAL B 26 12.62 22.52 32.65
N LEU B 27 11.48 22.00 32.19
CA LEU B 27 11.40 20.81 31.35
C LEU B 27 10.75 21.19 30.02
N LYS B 28 11.43 20.88 28.92
CA LYS B 28 10.92 21.16 27.58
C LYS B 28 10.06 20.00 27.10
N PHE B 29 8.79 20.28 26.84
CA PHE B 29 7.85 19.32 26.26
C PHE B 29 7.68 19.63 24.78
N HIS B 30 7.71 18.60 23.94
CA HIS B 30 7.61 18.74 22.49
C HIS B 30 6.58 17.75 21.97
N SER B 31 5.73 18.21 21.05
CA SER B 31 4.80 17.29 20.40
C SER B 31 4.38 17.87 19.06
N PHE B 32 3.64 17.08 18.29
CA PHE B 32 3.30 17.48 16.93
C PHE B 32 1.94 18.12 16.71
N PRO B 33 0.87 17.84 17.46
CA PRO B 33 -0.39 18.53 17.17
C PRO B 33 -0.33 20.00 17.54
N PRO B 34 -1.19 20.82 16.95
CA PRO B 34 -1.24 22.24 17.33
C PRO B 34 -1.73 22.40 18.76
N MSE B 35 -1.50 23.61 19.27
N MSE B 35 -1.51 23.58 19.30
CA MSE B 35 -1.84 24.03 20.62
CA MSE B 35 -1.83 23.82 20.69
C MSE B 35 -3.25 23.62 21.10
C MSE B 35 -3.28 23.48 21.09
O MSE B 35 -3.41 23.11 22.22
O MSE B 35 -3.49 22.91 22.16
CB MSE B 35 -1.65 25.56 20.70
CB MSE B 35 -1.51 25.27 21.06
CG MSE B 35 -1.82 26.17 22.05
CG MSE B 35 -1.51 25.53 22.54
SE MSE B 35 -1.20 28.05 22.28
SE MSE B 35 -0.30 24.47 23.63
CE MSE B 35 -1.36 28.96 20.59
CE MSE B 35 -1.58 23.93 25.00
H MSE B 35 -1.12 24.23 18.82
H MSE B 35 -1.17 24.26 18.89
HA MSE B 35 -1.19 23.63 21.23
HA MSE B 35 -1.24 23.26 21.22
HB2 MSE B 35 -2.29 25.99 20.11
HB2 MSE B 35 -2.18 25.85 20.66
HB3 MSE B 35 -0.75 25.77 20.40
HB3 MSE B 35 -0.63 25.49 20.72
HG2 MSE B 35 -1.34 25.63 22.69
HG2 MSE B 35 -2.41 25.38 22.87
HG3 MSE B 35 -2.77 26.15 22.27
HG3 MSE B 35 -1.27 26.46 22.68
HE1 MSE B 35 -2.29 28.96 20.30
HE1 MSE B 35 -2.31 23.44 24.58
HE2 MSE B 35 -1.06 29.88 20.70
HE2 MSE B 35 -1.13 23.37 25.65
HE3 MSE B 35 -0.81 28.51 19.94
HE3 MSE B 35 -1.93 24.73 25.43
N PRO B 36 -4.29 23.81 20.28
CA PRO B 36 -5.66 23.51 20.73
C PRO B 36 -6.05 22.04 20.70
N ALA B 37 -5.21 21.17 20.14
CA ALA B 37 -5.53 19.77 20.12
C ALA B 37 -5.65 19.24 21.53
N ASN B 38 -6.52 18.24 21.69
CA ASN B 38 -6.79 17.71 23.03
C ASN B 38 -5.52 17.29 23.75
N SER B 39 -4.60 16.62 23.05
CA SER B 39 -3.42 16.08 23.74
C SER B 39 -2.61 17.20 24.38
N ASN B 40 -2.59 18.37 23.76
CA ASN B 40 -1.94 19.53 24.38
C ASN B 40 -2.88 20.23 25.37
N ALA B 41 -3.99 20.79 24.87
CA ALA B 41 -4.79 21.70 25.67
C ALA B 41 -5.54 21.01 26.80
N LYS B 42 -5.88 19.73 26.66
CA LYS B 42 -6.71 19.06 27.64
C LYS B 42 -6.02 17.85 28.27
N PHE B 43 -4.72 17.64 27.98
CA PHE B 43 -3.98 16.61 28.69
C PHE B 43 -2.64 17.14 29.20
N VAL B 44 -1.72 17.49 28.31
CA VAL B 44 -0.39 17.89 28.78
C VAL B 44 -0.46 19.21 29.53
N LYS B 45 -1.31 20.15 29.10
CA LYS B 45 -1.42 21.43 29.81
C LYS B 45 -1.89 21.24 31.26
N PRO B 46 -3.02 20.60 31.52
CA PRO B 46 -3.41 20.37 32.92
C PRO B 46 -2.45 19.46 33.68
N TRP B 47 -1.84 18.49 33.02
CA TRP B 47 -0.79 17.71 33.67
C TRP B 47 0.31 18.62 34.17
N SER B 48 0.77 19.53 33.31
N SER B 48 0.77 19.52 33.31
CA SER B 48 1.84 20.44 33.70
CA SER B 48 1.83 20.44 33.68
C SER B 48 1.41 21.35 34.83
C SER B 48 1.40 21.34 34.83
N GLU B 49 0.13 21.71 34.88
CA GLU B 49 -0.36 22.56 35.97
C GLU B 49 -0.33 21.84 37.30
N LYS B 50 -0.64 20.56 37.29
CA LYS B 50 -0.62 19.78 38.52
C LYS B 50 0.80 19.55 38.99
N VAL B 51 1.70 19.22 38.06
CA VAL B 51 3.12 19.06 38.38
C VAL B 51 3.68 20.36 38.97
N LEU B 52 3.29 21.50 38.39
CA LEU B 52 3.71 22.80 38.90
C LEU B 52 3.22 23.00 40.32
N ALA B 53 1.93 22.82 40.56
CA ALA B 53 1.36 23.12 41.86
C ALA B 53 1.91 22.18 42.93
N GLU B 54 2.03 20.90 42.61
CA GLU B 54 2.45 19.90 43.59
C GLU B 54 3.94 19.98 43.90
N SER B 55 4.71 20.71 43.07
CA SER B 55 6.12 20.93 43.31
C SER B 55 6.37 22.32 43.86
N ASN B 56 5.34 22.96 44.41
CA ASN B 56 5.48 24.29 44.99
C ASN B 56 6.04 25.29 43.98
N GLY B 57 5.62 25.12 42.72
CA GLY B 57 6.03 26.00 41.65
C GLY B 57 7.41 25.76 41.09
N GLU B 58 8.06 24.64 41.40
CA GLU B 58 9.45 24.44 41.04
C GLU B 58 9.63 23.73 39.70
N ILE B 59 8.80 22.73 39.38
CA ILE B 59 8.90 21.99 38.12
C ILE B 59 8.04 22.71 37.09
N LYS B 60 8.68 23.35 36.12
CA LYS B 60 8.01 24.18 35.11
C LYS B 60 8.14 23.49 33.76
N VAL B 61 7.06 22.87 33.31
CA VAL B 61 6.97 22.30 31.97
C VAL B 61 6.60 23.39 30.97
N GLU B 62 7.45 23.60 29.98
CA GLU B 62 7.19 24.51 28.85
C GLU B 62 6.71 23.68 27.67
N ILE B 63 5.58 24.05 27.10
CA ILE B 63 4.89 23.26 26.07
C ILE B 63 5.16 23.85 24.69
N TYR B 64 5.77 23.05 23.82
CA TYR B 64 6.07 23.38 22.42
C TYR B 64 5.28 22.46 21.49
N PRO B 65 4.11 22.91 21.02
CA PRO B 65 3.28 22.12 20.10
C PRO B 65 3.77 22.28 18.68
N ALA B 66 3.13 21.56 17.74
CA ALA B 66 3.32 21.79 16.30
C ALA B 66 4.79 21.72 15.89
N MSE B 67 5.53 20.80 16.52
CA MSE B 67 6.96 20.62 16.32
C MSE B 67 7.74 21.93 16.37
O MSE B 67 8.64 22.15 15.57
CB MSE B 67 7.25 19.90 14.99
CG MSE B 67 6.61 18.51 14.82
SE MSE B 67 7.05 17.28 16.32
CE MSE B 67 8.94 17.12 16.01
H MSE B 67 5.21 20.25 17.10
HA MSE B 67 7.30 20.05 17.03
HB2 MSE B 67 6.92 20.45 14.25
HB3 MSE B 67 8.21 19.78 14.90
HG2 MSE B 67 5.65 18.61 14.80
HG3 MSE B 67 6.93 18.11 14.00
HE1 MSE B 67 9.32 16.52 16.69
HE2 MSE B 67 9.09 16.74 15.12
HE3 MSE B 67 9.35 17.99 16.08
N GLN B 68 7.39 22.81 17.31
CA GLN B 68 7.99 24.14 17.36
C GLN B 68 9.43 24.15 17.85
N LEU B 69 10.01 22.99 18.17
CA LEU B 69 11.45 22.90 18.47
C LEU B 69 12.23 22.20 17.37
N GLY B 70 11.57 21.91 16.25
CA GLY B 70 12.18 21.39 15.05
C GLY B 70 11.93 19.89 14.88
N GLY B 71 12.02 19.44 13.64
CA GLY B 71 11.90 18.03 13.32
C GLY B 71 10.51 17.65 12.85
N LYS B 72 10.39 16.40 12.44
CA LYS B 72 9.11 15.83 12.04
C LYS B 72 8.63 14.84 13.10
N PRO B 73 7.33 14.52 13.12
CA PRO B 73 6.76 13.78 14.25
C PRO B 73 7.48 12.49 14.58
N PRO B 74 7.91 11.65 13.61
CA PRO B 74 8.64 10.44 13.99
C PRO B 74 9.87 10.70 14.84
N GLN B 75 10.43 11.90 14.79
CA GLN B 75 11.67 12.17 15.50
C GLN B 75 11.47 12.45 16.99
N LEU B 76 10.23 12.58 17.47
CA LEU B 76 10.02 12.89 18.88
C LEU B 76 10.63 11.83 19.81
N VAL B 77 10.51 10.55 19.48
CA VAL B 77 11.09 9.52 20.36
C VAL B 77 12.62 9.64 20.43
N ASP B 78 13.30 9.91 19.30
CA ASP B 78 14.73 10.14 19.31
C ASP B 78 15.08 11.37 20.15
N GLN B 79 14.30 12.42 19.98
CA GLN B 79 14.58 13.66 20.70
C GLN B 79 14.51 13.43 22.20
N VAL B 80 13.47 12.73 22.66
CA VAL B 80 13.34 12.51 24.10
C VAL B 80 14.37 11.50 24.58
N ARG B 81 14.67 10.50 23.76
CA ARG B 81 15.63 9.49 24.20
C ARG B 81 17.00 10.11 24.42
N ASP B 82 17.39 11.02 23.54
CA ASP B 82 18.73 11.58 23.54
C ASP B 82 18.82 12.86 24.35
N GLY B 83 17.70 13.38 24.85
CA GLY B 83 17.68 14.59 25.63
C GLY B 83 17.69 15.89 24.87
N VAL B 84 17.32 15.86 23.58
CA VAL B 84 17.11 17.10 22.83
C VAL B 84 15.99 17.89 23.47
N VAL B 85 14.97 17.17 23.92
CA VAL B 85 13.90 17.71 24.73
C VAL B 85 13.71 16.80 25.92
N ASP B 86 12.90 17.25 26.88
CA ASP B 86 12.76 16.50 28.13
C ASP B 86 11.52 15.60 28.20
N ILE B 87 10.43 15.99 27.57
CA ILE B 87 9.18 15.23 27.59
C ILE B 87 8.58 15.25 26.19
N VAL B 88 7.99 14.14 25.74
CA VAL B 88 7.22 14.15 24.50
C VAL B 88 5.91 13.38 24.69
N TRP B 89 4.95 13.69 23.82
CA TRP B 89 3.75 12.90 23.57
C TRP B 89 3.76 12.57 22.08
N THR B 90 3.59 11.28 21.76
CA THR B 90 3.65 10.89 20.36
C THR B 90 2.92 9.57 20.15
N VAL B 91 2.88 9.13 18.90
CA VAL B 91 2.30 7.86 18.49
C VAL B 91 3.44 6.88 18.31
N ALA B 92 3.40 5.76 19.06
CA ALA B 92 4.50 4.79 19.04
C ALA B 92 4.85 4.33 17.63
N GLY B 93 3.82 4.02 16.83
CA GLY B 93 4.02 3.47 15.51
C GLY B 93 4.47 4.44 14.44
N TYR B 94 4.64 5.72 14.77
CA TYR B 94 5.22 6.65 13.82
C TYR B 94 6.68 6.30 13.55
N THR B 95 7.28 5.48 14.42
CA THR B 95 8.60 4.87 14.24
C THR B 95 8.39 3.35 14.15
N PRO B 96 8.18 2.83 12.95
CA PRO B 96 7.80 1.42 12.79
C PRO B 96 8.86 0.48 13.33
N GLY B 97 8.40 -0.52 14.10
CA GLY B 97 9.25 -1.56 14.64
C GLY B 97 10.04 -1.18 15.87
N ARG B 98 10.00 0.09 16.28
CA ARG B 98 10.81 0.48 17.42
C ARG B 98 10.26 -0.06 18.73
N PHE B 99 8.93 -0.21 18.82
CA PHE B 99 8.28 -0.64 20.05
C PHE B 99 7.43 -1.85 19.70
N PRO B 100 8.07 -2.99 19.41
CA PRO B 100 7.33 -4.08 18.78
C PRO B 100 6.26 -4.70 19.65
N HIS B 101 6.45 -4.77 20.97
CA HIS B 101 5.44 -5.36 21.83
C HIS B 101 4.12 -4.61 21.70
N LEU B 102 4.20 -3.28 21.56
CA LEU B 102 2.98 -2.48 21.56
C LEU B 102 2.12 -2.72 20.33
N GLU B 103 2.69 -3.27 19.26
CA GLU B 103 1.94 -3.62 18.06
C GLU B 103 0.75 -4.53 18.35
N ALA B 104 0.84 -5.35 19.40
CA ALA B 104 -0.25 -6.26 19.71
C ALA B 104 -1.54 -5.51 19.99
N PHE B 105 -1.44 -4.33 20.58
CA PHE B 105 -2.64 -3.56 20.91
C PHE B 105 -3.22 -2.86 19.68
N GLU B 106 -2.55 -2.92 18.55
CA GLU B 106 -3.00 -2.30 17.31
C GLU B 106 -3.83 -3.24 16.46
N LEU B 107 -3.98 -4.49 16.88
CA LEU B 107 -4.59 -5.48 16.02
C LEU B 107 -6.11 -5.25 15.89
N PRO B 108 -6.72 -5.74 14.82
CA PRO B 108 -8.13 -5.44 14.58
C PRO B 108 -9.01 -6.01 15.68
N PHE B 109 -9.97 -5.19 16.10
CA PHE B 109 -10.96 -5.53 17.11
C PHE B 109 -10.33 -5.91 18.44
N MSE B 110 -9.12 -5.40 18.71
CA MSE B 110 -8.56 -5.52 20.03
C MSE B 110 -9.18 -4.59 21.08
O MSE B 110 -9.39 -5.01 22.21
CB MSE B 110 -7.04 -5.24 19.95
CG MSE B 110 -6.27 -5.45 21.20
SE MSE B 110 -6.23 -7.32 21.79
CE MSE B 110 -6.04 -8.09 20.20
H MSE B 110 -8.62 -4.98 18.14
HA MSE B 110 -8.67 -6.42 20.32
HB2 MSE B 110 -6.67 -5.83 19.27
HB3 MSE B 110 -6.92 -4.32 19.67
HG2 MSE B 110 -5.35 -5.16 21.06
HG3 MSE B 110 -6.67 -4.91 21.91
HE1 MSE B 110 -6.00 -9.06 20.31
HE2 MSE B 110 -6.79 -7.86 19.64
HE3 MSE B 110 -5.22 -7.78 19.79
N PRO B 111 -9.43 -3.32 20.75
CA PRO B 111 -9.68 -2.35 21.82
C PRO B 111 -11.12 -2.30 22.33
N ALA B 112 -11.25 -2.13 23.65
CA ALA B 112 -12.50 -1.69 24.23
C ALA B 112 -12.45 -0.17 24.32
N SER B 113 -13.08 0.40 25.35
CA SER B 113 -12.96 1.83 25.63
C SER B 113 -11.50 2.23 25.76
N ALA B 114 -11.19 3.51 25.55
CA ALA B 114 -9.82 3.95 25.79
C ALA B 114 -9.46 3.80 27.28
N GLU B 115 -10.43 3.98 28.18
CA GLU B 115 -10.17 3.81 29.61
C GLU B 115 -9.68 2.40 29.91
N ALA B 116 -10.40 1.40 29.40
CA ALA B 116 -10.03 0.02 29.69
C ALA B 116 -8.74 -0.35 28.98
N THR B 117 -8.63 0.03 27.70
CA THR B 117 -7.51 -0.41 26.90
C THR B 117 -6.22 0.30 27.34
N SER B 118 -6.33 1.55 27.82
CA SER B 118 -5.15 2.27 28.29
C SER B 118 -4.60 1.66 29.57
N GLN B 119 -5.47 1.23 30.48
CA GLN B 119 -4.99 0.53 31.67
C GLN B 119 -4.30 -0.76 31.29
N ALA B 120 -4.89 -1.50 30.36
CA ALA B 120 -4.27 -2.71 29.85
C ALA B 120 -2.89 -2.40 29.32
N LEU B 121 -2.77 -1.36 28.49
CA LEU B 121 -1.50 -0.99 27.90
C LEU B 121 -0.47 -0.68 28.97
N GLN B 122 -0.84 0.09 29.97
CA GLN B 122 0.12 0.47 31.00
C GLN B 122 0.57 -0.74 31.81
N GLU B 123 -0.36 -1.61 32.20
CA GLU B 123 0.07 -2.84 32.90
C GLU B 123 0.98 -3.68 32.01
N TYR B 124 0.66 -3.77 30.72
CA TYR B 124 1.49 -4.48 29.75
C TYR B 124 2.93 -3.94 29.77
N VAL B 125 3.07 -2.61 29.65
CA VAL B 125 4.37 -1.94 29.64
C VAL B 125 5.10 -2.12 30.97
N ASP B 126 4.37 -2.14 32.08
CA ASP B 126 4.96 -2.33 33.39
C ASP B 126 5.50 -3.73 33.56
N THR B 127 5.02 -4.68 32.76
CA THR B 127 5.35 -6.10 32.93
C THR B 127 6.01 -6.60 31.66
N VAL B 128 5.28 -7.32 30.79
CA VAL B 128 5.89 -8.13 29.74
C VAL B 128 6.50 -7.30 28.61
N ALA B 129 6.09 -6.03 28.44
CA ALA B 129 6.59 -5.20 27.35
C ALA B 129 7.59 -4.14 27.81
N ALA B 130 8.07 -4.26 29.06
CA ALA B 130 8.91 -3.20 29.62
C ALA B 130 10.18 -2.98 28.81
N SER B 131 10.71 -3.99 28.12
CA SER B 131 11.95 -3.81 27.37
C SER B 131 11.82 -2.81 26.24
N ASP B 132 10.61 -2.60 25.71
CA ASP B 132 10.43 -1.63 24.62
C ASP B 132 10.82 -0.23 25.07
N LEU B 133 10.63 0.06 26.35
CA LEU B 133 10.73 1.41 26.86
C LEU B 133 11.80 1.55 27.93
N LYS B 134 12.70 0.59 28.03
CA LYS B 134 13.70 0.63 29.10
C LYS B 134 14.63 1.84 28.98
N ASP B 135 14.76 2.45 27.80
CA ASP B 135 15.65 3.60 27.61
C ASP B 135 15.00 4.93 27.98
N TYR B 136 13.78 4.91 28.49
CA TYR B 136 13.00 6.10 28.78
C TYR B 136 12.45 6.05 30.19
N LYS B 137 12.12 7.22 30.73
CA LYS B 137 11.18 7.31 31.85
C LYS B 137 9.75 7.30 31.29
N VAL B 138 8.98 6.26 31.62
CA VAL B 138 7.60 6.19 31.17
C VAL B 138 6.74 7.02 32.10
N LEU B 139 6.02 7.98 31.53
CA LEU B 139 4.96 8.67 32.26
C LEU B 139 3.66 7.90 32.09
N ALA B 140 3.24 7.67 30.85
CA ALA B 140 2.13 6.73 30.64
C ALA B 140 2.15 6.28 29.20
N VAL B 141 1.66 5.07 28.99
CA VAL B 141 1.30 4.56 27.68
C VAL B 141 -0.21 4.33 27.70
N PHE B 142 -0.90 4.89 26.71
CA PHE B 142 -2.34 4.81 26.67
C PHE B 142 -2.76 4.90 25.20
N CYS B 143 -4.05 5.06 24.93
CA CYS B 143 -4.53 4.99 23.54
C CYS B 143 -5.81 5.80 23.40
N HIS B 144 -6.23 5.97 22.14
CA HIS B 144 -7.45 6.68 21.84
C HIS B 144 -8.64 5.72 21.80
N ALA B 145 -9.84 6.29 21.85
CA ALA B 145 -11.04 5.49 21.65
C ALA B 145 -10.98 4.86 20.27
N PRO B 146 -11.60 3.70 20.08
CA PRO B 146 -11.40 3.00 18.79
C PRO B 146 -11.60 3.94 17.60
N GLY B 147 -10.68 3.86 16.64
CA GLY B 147 -10.77 4.69 15.47
C GLY B 147 -11.96 4.35 14.59
N LYS B 148 -12.30 5.34 13.76
CA LYS B 148 -13.40 5.28 12.81
C LYS B 148 -12.81 5.39 11.40
N ILE B 149 -13.66 5.05 10.43
CA ILE B 149 -13.33 5.10 9.01
C ILE B 149 -13.94 6.37 8.41
N HIS B 150 -13.13 7.13 7.69
CA HIS B 150 -13.52 8.43 7.13
C HIS B 150 -13.17 8.50 5.65
N THR B 151 -14.12 9.01 4.85
CA THR B 151 -13.92 9.16 3.43
C THR B 151 -14.52 10.48 2.96
N LYS B 152 -14.03 10.96 1.83
CA LYS B 152 -14.54 12.25 1.36
C LYS B 152 -16.04 12.20 1.16
N GLU B 153 -16.53 11.18 0.46
CA GLU B 153 -17.95 11.10 0.12
C GLU B 153 -18.53 9.68 0.16
N LYS B 154 -17.74 8.61 -0.02
CA LYS B 154 -18.30 7.28 -0.17
C LYS B 154 -18.63 6.67 1.19
N VAL B 155 -19.88 6.25 1.38
CA VAL B 155 -20.27 5.56 2.61
C VAL B 155 -19.70 4.15 2.62
N ILE B 156 -19.09 3.78 3.74
CA ILE B 156 -18.48 2.46 3.88
C ILE B 156 -19.44 1.59 4.68
N LYS B 157 -20.14 0.68 3.98
CA LYS B 157 -21.05 -0.28 4.61
C LYS B 157 -20.45 -1.67 4.84
N SER B 158 -19.35 -1.98 4.17
CA SER B 158 -18.73 -3.29 4.25
C SER B 158 -17.32 -3.17 3.70
N ALA B 159 -16.54 -4.22 3.94
CA ALA B 159 -15.18 -4.23 3.43
C ALA B 159 -15.13 -4.00 1.92
N ALA B 160 -16.10 -4.56 1.18
CA ALA B 160 -16.06 -4.41 -0.28
C ALA B 160 -16.06 -2.94 -0.71
N ASP B 161 -16.72 -2.07 0.06
CA ASP B 161 -16.72 -0.65 -0.28
C ASP B 161 -15.34 -0.01 -0.17
N LEU B 162 -14.39 -0.65 0.51
CA LEU B 162 -13.03 -0.12 0.56
C LEU B 162 -12.20 -0.50 -0.66
N ASN B 163 -12.66 -1.45 -1.47
CA ASN B 163 -11.90 -1.84 -2.65
C ASN B 163 -11.62 -0.62 -3.53
N GLY B 164 -10.35 -0.44 -3.89
CA GLY B 164 -9.93 0.67 -4.72
C GLY B 164 -9.77 1.98 -3.98
N MSE B 165 -10.12 2.04 -2.71
CA MSE B 165 -10.04 3.28 -1.97
C MSE B 165 -8.67 3.45 -1.33
O MSE B 165 -8.18 2.53 -0.67
CB MSE B 165 -11.12 3.28 -0.89
CG MSE B 165 -12.55 3.17 -1.41
SE MSE B 165 -13.08 4.88 -2.17
CE MSE B 165 -13.33 5.81 -0.53
HA MSE B 165 -10.22 4.02 -2.56
HB2 MSE B 165 -10.96 2.52 -0.29
HB3 MSE B 165 -11.05 4.11 -0.38
HG2 MSE B 165 -12.58 2.50 -2.10
HG3 MSE B 165 -13.14 2.95 -0.67
HE1 MSE B 165 -13.60 6.72 -0.72
HE2 MSE B 165 -14.00 5.35 0.00
HE3 MSE B 165 -12.49 5.81 -0.04
N LYS B 166 -8.05 4.61 -1.55
CA LYS B 166 -6.74 4.95 -0.99
C LYS B 166 -6.95 5.50 0.43
N MSE B 167 -6.47 4.76 1.41
CA MSE B 167 -6.79 5.02 2.81
C MSE B 167 -5.55 5.12 3.68
O MSE B 167 -4.72 4.25 3.68
CB MSE B 167 -7.68 3.91 3.35
CG MSE B 167 -8.98 3.72 2.63
SE MSE B 167 -10.18 5.24 2.85
CE MSE B 167 -10.78 4.91 4.66
H MSE B 167 -5.95 4.09 1.30
HA MSE B 167 -7.29 5.84 2.87
HB2 MSE B 167 -7.20 3.08 3.31
HB3 MSE B 167 -7.90 4.12 4.27
HG2 MSE B 167 -8.80 3.60 1.68
HG3 MSE B 167 -9.43 2.92 2.97
HE1 MSE B 167 -11.41 5.60 4.92
HE2 MSE B 167 -11.22 4.04 4.69
HE3 MSE B 167 -10.01 4.91 5.25
N ARG B 168 -5.46 6.21 4.42
CA ARG B 168 -4.36 6.44 5.33
C ARG B 168 -4.54 5.72 6.65
N GLY B 169 -3.45 5.15 7.16
CA GLY B 169 -3.35 4.68 8.51
C GLY B 169 -2.16 5.32 9.20
N PRO B 170 -2.15 5.24 10.54
CA PRO B 170 -1.08 5.90 11.32
C PRO B 170 0.20 5.10 11.47
N THR B 171 0.14 3.78 11.26
CA THR B 171 1.25 2.88 11.57
C THR B 171 1.21 1.74 10.57
N ARG B 172 2.30 0.97 10.53
CA ARG B 172 2.37 -0.17 9.61
C ARG B 172 1.37 -1.26 10.00
N VAL B 173 1.10 -1.45 11.29
CA VAL B 173 0.12 -2.45 11.65
C VAL B 173 -1.24 -2.05 11.12
N ILE B 174 -1.54 -0.75 11.16
CA ILE B 174 -2.89 -0.35 10.78
C ILE B 174 -2.99 -0.29 9.27
N THR B 175 -1.92 0.06 8.55
CA THR B 175 -1.99 -0.02 7.09
C THR B 175 -2.10 -1.47 6.64
N LYS B 176 -1.47 -2.40 7.35
CA LYS B 176 -1.67 -3.82 7.04
C LYS B 176 -3.13 -4.21 7.22
N MSE B 177 -3.77 -3.72 8.27
CA MSE B 177 -5.19 -3.98 8.45
C MSE B 177 -6.03 -3.45 7.30
O MSE B 177 -6.94 -4.12 6.79
CB MSE B 177 -5.69 -3.35 9.76
CG MSE B 177 -7.17 -3.57 9.98
SE MSE B 177 -7.87 -2.55 11.48
CE MSE B 177 -7.94 -0.88 10.55
H MSE B 177 -3.42 -3.23 8.88
HA MSE B 177 -5.32 -4.93 8.52
HB2 MSE B 177 -5.22 -3.75 10.50
HB3 MSE B 177 -5.53 -2.40 9.74
HG2 MSE B 177 -7.66 -3.31 9.18
HG3 MSE B 177 -7.33 -4.52 10.15
HE1 MSE B 177 -8.27 -0.20 11.15
HE2 MSE B 177 -7.04 -0.65 10.26
HE3 MSE B 177 -8.53 -0.97 9.78
N LEU B 178 -5.77 -2.20 6.92
CA LEU B 178 -6.49 -1.62 5.80
C LEU B 178 -6.31 -2.44 4.53
N GLU B 179 -5.08 -2.88 4.23
CA GLU B 179 -4.88 -3.81 3.12
C GLU B 179 -5.74 -5.06 3.28
N GLY B 180 -5.78 -5.63 4.48
CA GLY B 180 -6.52 -6.88 4.70
C GLY B 180 -8.03 -6.71 4.58
N LEU B 181 -8.53 -5.50 4.76
CA LEU B 181 -9.93 -5.19 4.56
C LEU B 181 -10.22 -4.82 3.12
N GLY B 182 -9.21 -4.73 2.28
CA GLY B 182 -9.41 -4.53 0.86
C GLY B 182 -9.08 -3.15 0.36
N ALA B 183 -8.70 -2.22 1.24
CA ALA B 183 -8.29 -0.90 0.78
C ALA B 183 -6.86 -0.93 0.25
N THR B 184 -6.46 0.20 -0.32
CA THR B 184 -5.10 0.50 -0.73
C THR B 184 -4.48 1.45 0.28
N PRO B 185 -3.62 0.99 1.18
CA PRO B 185 -3.18 1.82 2.31
C PRO B 185 -1.98 2.70 2.01
N VAL B 186 -1.89 3.80 2.76
CA VAL B 186 -0.67 4.60 2.83
C VAL B 186 -0.48 5.04 4.27
N GLY B 187 0.75 5.02 4.74
CA GLY B 187 1.06 5.46 6.10
C GLY B 187 1.58 6.89 6.12
N MSE B 188 1.13 7.66 7.11
CA MSE B 188 1.68 8.99 7.35
C MSE B 188 1.21 9.54 8.70
O MSE B 188 0.13 9.18 9.18
CB MSE B 188 1.28 9.96 6.23
CG MSE B 188 -0.22 10.29 6.24
SE MSE B 188 -0.81 11.28 4.69
CE MSE B 188 -0.64 9.88 3.38
H MSE B 188 0.51 7.42 7.65
HA MSE B 188 2.65 8.93 7.36
HB2 MSE B 188 1.77 10.80 6.33
HB3 MSE B 188 1.50 9.57 5.37
HG2 MSE B 188 -0.72 9.47 6.28
HG3 MSE B 188 -0.41 10.83 7.03
HE1 MSE B 188 -0.91 10.22 2.51
HE2 MSE B 188 0.28 9.59 3.35
HE3 MSE B 188 -1.21 9.13 3.64
N PRO B 189 2.00 10.41 9.31
CA PRO B 189 1.56 11.09 10.53
C PRO B 189 0.36 11.98 10.24
N VAL B 190 -0.43 12.24 11.28
CA VAL B 190 -1.73 12.87 11.07
C VAL B 190 -1.62 14.29 10.52
N PRO B 191 -0.56 15.07 10.77
CA PRO B 191 -0.53 16.44 10.19
C PRO B 191 -0.44 16.43 8.68
N ALA B 192 -0.07 15.31 8.06
CA ALA B 192 0.00 15.22 6.61
C ALA B 192 -1.32 14.90 5.95
N VAL B 193 -2.34 14.51 6.72
CA VAL B 193 -3.53 13.88 6.13
C VAL B 193 -4.33 14.90 5.33
N ALA B 194 -4.51 16.10 5.87
CA ALA B 194 -5.33 17.10 5.17
C ALA B 194 -4.76 17.42 3.79
N GLY B 195 -3.45 17.64 3.71
CA GLY B 195 -2.82 17.88 2.41
C GLY B 195 -2.95 16.72 1.46
N ALA B 196 -2.78 15.49 1.96
CA ALA B 196 -2.89 14.30 1.10
C ALA B 196 -4.32 14.14 0.57
N LEU B 197 -5.32 14.45 1.37
CA LEU B 197 -6.70 14.46 0.87
C LEU B 197 -6.85 15.52 -0.23
N SER B 198 -6.36 16.73 0.03
CA SER B 198 -6.57 17.85 -0.88
C SER B 198 -5.83 17.64 -2.20
N LYS B 199 -4.81 16.78 -2.20
CA LYS B 199 -4.03 16.47 -3.38
C LYS B 199 -4.50 15.24 -4.14
N GLY B 200 -5.38 14.40 -3.58
CA GLY B 200 -5.75 13.17 -4.23
C GLY B 200 -4.90 11.96 -3.89
N VAL B 201 -3.94 12.09 -2.98
CA VAL B 201 -3.14 10.96 -2.60
C VAL B 201 -3.98 9.94 -1.84
N ILE B 202 -4.95 10.41 -1.06
CA ILE B 202 -5.84 9.52 -0.32
C ILE B 202 -7.27 9.96 -0.55
N ASP B 203 -8.17 9.00 -0.44
CA ASP B 203 -9.61 9.23 -0.41
C ASP B 203 -10.16 9.33 1.02
N GLY B 204 -9.40 8.89 2.00
CA GLY B 204 -9.87 8.86 3.35
C GLY B 204 -8.79 8.32 4.25
N MSE B 205 -9.20 8.00 5.48
CA MSE B 205 -8.28 7.63 6.53
C MSE B 205 -9.03 7.01 7.67
O MSE B 205 -10.25 7.19 7.84
CB MSE B 205 -7.51 8.87 7.05
CG MSE B 205 -8.28 9.82 7.91
SE MSE B 205 -9.38 10.96 6.77
CE MSE B 205 -10.22 12.03 8.17
H MSE B 205 -10.03 8.00 5.73
HA MSE B 205 -7.64 7.00 6.18
HB2 MSE B 205 -6.75 8.56 7.57
HB3 MSE B 205 -7.18 9.37 6.29
HG2 MSE B 205 -8.86 9.31 8.51
HG3 MSE B 205 -7.67 10.38 8.42
HE1 MSE B 205 -10.83 12.67 7.76
HE2 MSE B 205 -10.72 11.45 8.76
HE3 MSE B 205 -9.54 12.50 8.66
N VAL B 206 -8.27 6.31 8.54
CA VAL B 206 -8.76 5.99 9.88
C VAL B 206 -8.09 6.95 10.88
N VAL B 207 -8.92 7.49 11.78
CA VAL B 207 -8.55 8.28 12.96
C VAL B 207 -9.72 8.20 13.95
N PRO B 208 -9.49 8.36 15.24
CA PRO B 208 -10.60 8.66 16.14
C PRO B 208 -11.18 10.04 15.81
N TRP B 209 -12.39 10.30 16.31
CA TRP B 209 -12.97 11.63 16.09
C TRP B 209 -12.10 12.74 16.65
N GLU B 210 -11.47 12.51 17.80
CA GLU B 210 -11.00 13.61 18.65
C GLU B 210 -9.90 14.44 17.97
N ILE B 211 -9.09 13.82 17.11
CA ILE B 211 -7.96 14.50 16.47
C ILE B 211 -8.41 15.31 15.26
N MSE B 212 -9.63 15.09 14.77
CA MSE B 212 -9.98 15.60 13.45
C MSE B 212 -10.12 17.14 13.41
O MSE B 212 -9.58 17.76 12.48
CB MSE B 212 -11.25 14.90 12.96
CG MSE B 212 -10.97 13.45 12.62
SE MSE B 212 -12.56 12.45 12.14
CE MSE B 212 -13.03 13.34 10.51
H MSE B 212 -10.25 14.64 15.16
HA MSE B 212 -9.27 15.36 12.84
HB2 MSE B 212 -11.92 14.93 13.66
HB3 MSE B 212 -11.57 15.35 12.16
HG2 MSE B 212 -10.37 13.42 11.86
HG3 MSE B 212 -10.56 13.02 13.39
HE1 MSE B 212 -13.83 12.94 10.15
HE2 MSE B 212 -13.18 14.28 10.71
HE3 MSE B 212 -12.29 13.26 9.89
N PRO B 213 -10.82 17.75 14.36
CA PRO B 213 -11.00 19.22 14.26
C PRO B 213 -9.69 19.99 14.27
N SER B 214 -8.64 19.47 14.90
CA SER B 214 -7.36 20.15 14.95
C SER B 214 -6.75 20.35 13.57
N PHE B 215 -7.16 19.55 12.59
CA PHE B 215 -6.65 19.59 11.23
C PHE B 215 -7.77 19.79 10.21
N LYS B 216 -8.93 20.25 10.66
CA LYS B 216 -10.10 20.45 9.82
C LYS B 216 -10.54 19.17 9.10
N LEU B 217 -10.20 17.98 9.63
CA LEU B 217 -10.48 16.76 8.88
C LEU B 217 -11.96 16.43 8.83
N HIS B 218 -12.75 16.97 9.74
CA HIS B 218 -14.19 16.76 9.71
C HIS B 218 -14.87 17.61 8.64
N GLU B 219 -14.17 18.58 8.07
CA GLU B 219 -14.65 19.32 6.92
C GLU B 219 -14.20 18.69 5.61
N LEU B 220 -13.05 18.02 5.61
CA LEU B 220 -12.52 17.42 4.41
C LEU B 220 -13.08 16.03 4.15
N THR B 221 -13.64 15.37 5.17
CA THR B 221 -14.32 14.10 4.97
C THR B 221 -15.74 14.22 5.53
N LYS B 222 -16.71 13.77 4.74
CA LYS B 222 -18.10 13.84 5.18
C LYS B 222 -18.76 12.49 5.45
N ALA B 223 -18.16 11.38 5.05
CA ALA B 223 -18.70 10.07 5.30
C ALA B 223 -17.88 9.38 6.38
N HIS B 224 -18.55 8.85 7.40
CA HIS B 224 -17.89 8.30 8.57
C HIS B 224 -18.55 7.00 8.98
N THR B 225 -17.75 5.96 9.26
CA THR B 225 -18.26 4.66 9.65
C THR B 225 -17.57 4.19 10.92
N THR B 226 -18.38 3.65 11.82
CA THR B 226 -17.89 3.06 13.06
C THR B 226 -18.39 1.63 13.15
N VAL B 227 -18.01 0.93 14.21
CA VAL B 227 -18.48 -0.43 14.43
C VAL B 227 -19.24 -0.51 15.75
N SER B 228 -20.29 -1.31 15.73
CA SER B 228 -21.05 -1.62 16.94
C SER B 228 -20.39 -2.77 17.68
N GLY B 229 -20.88 -3.01 18.89
CA GLY B 229 -20.42 -4.14 19.67
C GLY B 229 -19.41 -3.75 20.72
N SER B 230 -18.79 -4.78 21.30
CA SER B 230 -17.96 -4.57 22.48
C SER B 230 -16.50 -4.27 22.15
N ARG B 231 -16.10 -4.37 20.89
CA ARG B 231 -14.72 -4.08 20.51
C ARG B 231 -14.77 -3.22 19.26
N GLY B 232 -14.02 -2.12 19.28
CA GLY B 232 -13.92 -1.26 18.12
C GLY B 232 -12.87 -1.71 17.14
N LEU B 233 -12.79 -0.94 16.04
CA LEU B 233 -12.00 -1.34 14.88
C LEU B 233 -10.53 -1.50 15.22
N TYR B 234 -9.92 -0.47 15.80
CA TYR B 234 -8.51 -0.51 16.15
C TYR B 234 -8.24 0.65 17.09
N THR B 235 -7.07 0.62 17.71
CA THR B 235 -6.54 1.82 18.34
C THR B 235 -5.04 1.82 18.10
N THR B 236 -4.38 2.93 18.43
CA THR B 236 -2.93 2.92 18.35
C THR B 236 -2.33 3.49 19.62
N PRO B 237 -1.28 2.86 20.17
CA PRO B 237 -0.69 3.36 21.42
C PRO B 237 0.01 4.70 21.28
N PHE B 238 -0.28 5.57 22.24
CA PHE B 238 0.41 6.82 22.49
C PHE B 238 1.50 6.62 23.54
N LEU B 239 2.62 7.33 23.38
CA LEU B 239 3.71 7.33 24.35
C LEU B 239 3.81 8.70 24.96
N PHE B 240 3.79 8.76 26.28
CA PHE B 240 4.02 9.99 27.05
C PHE B 240 5.25 9.72 27.89
N LEU B 241 6.39 10.25 27.45
CA LEU B 241 7.72 9.83 27.89
C LEU B 241 8.54 11.03 28.35
N MSE B 242 9.41 10.76 29.31
CA MSE B 242 10.44 11.68 29.77
C MSE B 242 11.84 11.13 29.55
O MSE B 242 12.05 9.90 29.57
CB MSE B 242 10.24 12.00 31.25
CG MSE B 242 11.17 13.07 31.78
SE MSE B 242 10.70 13.54 33.62
CE MSE B 242 8.98 14.34 33.33
H MSE B 242 9.42 10.02 29.74
HA MSE B 242 10.35 12.52 29.28
HB2 MSE B 242 9.33 12.30 31.39
HB3 MSE B 242 10.40 11.20 31.77
HG2 MSE B 242 12.08 12.74 31.77
HG3 MSE B 242 11.08 13.87 31.23
HE1 MSE B 242 8.62 14.64 34.17
HE2 MSE B 242 9.09 15.11 32.74
HE3 MSE B 242 8.40 13.69 32.93
N ASN B 243 12.78 12.03 29.28
CA ASN B 243 14.18 11.64 29.17
C ASN B 243 14.64 11.01 30.48
N LYS B 244 15.24 9.82 30.39
CA LYS B 244 15.60 9.07 31.59
C LYS B 244 16.65 9.79 32.41
N ALA B 245 17.72 10.27 31.75
CA ALA B 245 18.74 10.98 32.50
C ALA B 245 18.16 12.22 33.18
N LYS B 246 17.26 12.92 32.50
CA LYS B 246 16.67 14.11 33.10
C LYS B 246 15.85 13.73 34.33
N TYR B 247 15.02 12.70 34.21
CA TYR B 247 14.29 12.24 35.39
C TYR B 247 15.24 11.87 36.50
N GLU B 248 16.31 11.14 36.17
N GLU B 248 16.30 11.13 36.19
CA GLU B 248 17.26 10.70 37.19
CA GLU B 248 17.19 10.69 37.26
C GLU B 248 17.97 11.87 37.85
C GLU B 248 18.01 11.85 37.83
N SER B 249 18.09 12.99 37.13
CA SER B 249 18.76 14.18 37.65
C SER B 249 17.89 14.99 38.61
N LEU B 250 16.59 14.69 38.68
CA LEU B 250 15.68 15.45 39.54
C LEU B 250 15.95 15.12 41.01
N SER B 251 15.67 16.08 41.89
CA SER B 251 15.64 15.70 43.30
C SER B 251 14.61 14.60 43.52
N ASP B 252 14.79 13.82 44.60
CA ASP B 252 13.82 12.77 44.91
C ASP B 252 12.44 13.36 45.21
N GLU B 253 12.39 14.57 45.79
CA GLU B 253 11.08 15.19 45.99
C GLU B 253 10.41 15.52 44.66
N HIS B 254 11.20 15.96 43.69
CA HIS B 254 10.65 16.25 42.37
C HIS B 254 10.28 14.96 41.65
N LYS B 255 11.10 13.92 41.79
CA LYS B 255 10.72 12.63 41.22
C LYS B 255 9.36 12.19 41.76
N LYS B 256 9.11 12.44 43.05
CA LYS B 256 7.84 12.02 43.65
C LYS B 256 6.67 12.70 42.98
N VAL B 257 6.84 13.98 42.63
CA VAL B 257 5.77 14.70 41.94
C VAL B 257 5.52 14.08 40.58
N ILE B 258 6.59 13.80 39.82
CA ILE B 258 6.43 13.17 38.52
C ILE B 258 5.74 11.81 38.66
N ASP B 259 6.23 10.97 39.59
CA ASP B 259 5.70 9.62 39.73
C ASP B 259 4.24 9.62 40.20
N ASN B 260 3.85 10.61 41.03
CA ASN B 260 2.45 10.75 41.44
C ASN B 260 1.55 11.10 40.26
N ASN B 261 2.13 11.66 39.20
CA ASN B 261 1.44 12.04 37.98
C ASN B 261 1.87 11.15 36.82
N ALA B 262 2.10 9.87 37.11
CA ALA B 262 2.53 8.91 36.12
C ALA B 262 1.91 7.55 36.44
N GLY B 263 2.18 6.57 35.57
CA GLY B 263 1.80 5.22 35.87
C GLY B 263 0.34 4.90 35.57
N LEU B 264 -0.15 3.83 36.22
CA LEU B 264 -1.47 3.30 35.89
C LEU B 264 -2.59 4.32 36.12
N ALA B 265 -2.52 5.07 37.22
CA ALA B 265 -3.51 6.12 37.45
C ALA B 265 -3.55 7.13 36.30
N LEU B 266 -2.39 7.49 35.75
CA LEU B 266 -2.42 8.48 34.66
C LEU B 266 -2.97 7.84 33.38
N ALA B 267 -2.54 6.62 33.11
CA ALA B 267 -3.06 5.88 31.96
C ALA B 267 -4.58 5.74 32.02
N LYS B 268 -5.12 5.40 33.21
CA LYS B 268 -6.57 5.30 33.36
C LYS B 268 -7.25 6.63 33.10
N LEU B 269 -6.71 7.71 33.69
CA LEU B 269 -7.30 9.02 33.50
C LEU B 269 -7.19 9.47 32.04
N ALA B 270 -6.04 9.22 31.41
CA ALA B 270 -5.89 9.56 30.00
C ALA B 270 -6.92 8.83 29.16
N GLY B 271 -7.08 7.53 29.40
CA GLY B 271 -8.10 6.79 28.65
C GLY B 271 -9.48 7.37 28.83
N GLN B 272 -9.85 7.69 30.08
CA GLN B 272 -11.15 8.31 30.34
C GLN B 272 -11.29 9.60 29.56
N LEU B 273 -10.25 10.41 29.56
CA LEU B 273 -10.30 11.67 28.84
C LEU B 273 -10.50 11.42 27.35
N TRP B 274 -9.77 10.44 26.79
CA TRP B 274 -9.86 10.22 25.34
C TRP B 274 -11.21 9.64 24.94
N ASP B 275 -11.85 8.84 25.80
CA ASP B 275 -13.23 8.46 25.51
C ASP B 275 -14.12 9.70 25.46
N GLY B 276 -13.95 10.60 26.40
CA GLY B 276 -14.76 11.81 26.41
C GLY B 276 -14.50 12.70 25.20
N PHE B 277 -13.27 12.72 24.70
CA PHE B 277 -12.93 13.66 23.64
C PHE B 277 -13.67 13.33 22.36
N GLU B 278 -14.10 12.07 22.17
CA GLU B 278 -14.81 11.72 20.95
C GLU B 278 -16.10 12.53 20.80
N VAL B 279 -16.73 12.85 21.92
CA VAL B 279 -18.11 13.35 21.90
C VAL B 279 -18.19 14.73 21.25
N PRO B 280 -17.43 15.74 21.68
CA PRO B 280 -17.54 17.05 21.02
C PRO B 280 -17.01 17.04 19.61
N ALA B 281 -16.04 16.16 19.32
CA ALA B 281 -15.47 16.12 17.99
C ALA B 281 -16.46 15.50 17.01
N ARG B 282 -17.14 14.45 17.43
CA ARG B 282 -18.20 13.86 16.62
C ARG B 282 -19.28 14.88 16.33
N LYS B 283 -19.59 15.71 17.33
CA LYS B 283 -20.62 16.71 17.13
C LYS B 283 -20.22 17.71 16.08
N LEU B 284 -18.96 18.16 16.09
CA LEU B 284 -18.48 19.05 15.05
C LEU B 284 -18.56 18.41 13.67
N ALA B 285 -18.23 17.11 13.57
CA ALA B 285 -18.30 16.46 12.27
C ALA B 285 -19.74 16.37 11.75
N LEU B 286 -20.70 16.12 12.62
CA LEU B 286 -22.08 16.05 12.19
C LEU B 286 -22.61 17.46 11.89
N ASP B 287 -22.24 18.44 12.69
CA ASP B 287 -22.66 19.81 12.39
C ASP B 287 -22.07 20.32 11.08
N ALA B 288 -20.96 19.76 10.62
CA ALA B 288 -20.34 20.08 9.34
C ALA B 288 -21.00 19.38 8.16
N GLY B 289 -22.00 18.56 8.40
CA GLY B 289 -22.73 17.91 7.33
C GLY B 289 -22.38 16.47 7.11
N GLY B 290 -21.70 15.81 8.08
CA GLY B 290 -21.27 14.42 7.92
C GLY B 290 -22.40 13.43 8.16
N THR B 291 -22.22 12.22 7.65
CA THR B 291 -23.03 11.05 7.95
C THR B 291 -22.21 10.10 8.83
N ILE B 292 -22.90 9.36 9.69
CA ILE B 292 -22.27 8.35 10.53
C ILE B 292 -23.06 7.07 10.37
N HIS B 293 -22.37 6.01 9.95
CA HIS B 293 -22.93 4.69 9.70
C HIS B 293 -22.25 3.68 10.62
N SER B 294 -23.02 2.78 11.23
CA SER B 294 -22.45 1.82 12.16
C SER B 294 -22.53 0.42 11.57
N LEU B 295 -21.40 -0.28 11.54
CA LEU B 295 -21.39 -1.63 11.01
C LEU B 295 -21.89 -2.62 12.05
N SER B 296 -22.68 -3.55 11.60
CA SER B 296 -23.15 -4.62 12.47
C SER B 296 -23.38 -5.84 11.61
N GLY B 297 -23.90 -6.90 12.24
CA GLY B 297 -24.37 -8.03 11.47
C GLY B 297 -23.30 -8.60 10.57
N GLY B 298 -23.71 -8.90 9.34
CA GLY B 298 -22.87 -9.57 8.38
C GLY B 298 -21.61 -8.80 8.06
N PRO B 299 -21.77 -7.54 7.64
CA PRO B 299 -20.61 -6.69 7.32
C PRO B 299 -19.57 -6.67 8.44
N LEU B 300 -20.02 -6.57 9.69
CA LEU B 300 -19.09 -6.55 10.81
C LEU B 300 -18.40 -7.90 10.98
N ALA B 301 -19.17 -9.00 10.98
CA ALA B 301 -18.57 -10.32 11.13
C ALA B 301 -17.52 -10.57 10.05
N GLU B 302 -17.76 -10.07 8.84
CA GLU B 302 -16.80 -10.24 7.77
C GLU B 302 -15.48 -9.58 8.12
N MSE B 303 -15.54 -8.36 8.62
CA MSE B 303 -14.32 -7.64 9.02
C MSE B 303 -13.65 -8.34 10.18
O MSE B 303 -12.42 -8.41 10.23
CB MSE B 303 -14.64 -6.19 9.40
CG MSE B 303 -14.99 -5.32 8.24
SE MSE B 303 -14.74 -3.43 8.77
CE MSE B 303 -15.15 -2.66 7.06
H MSE B 303 -16.27 -7.90 8.75
HA MSE B 303 -13.71 -7.62 8.27
HB2 MSE B 303 -15.39 -6.18 10.01
HB3 MSE B 303 -13.85 -5.81 9.84
HG2 MSE B 303 -14.41 -5.51 7.50
HG3 MSE B 303 -15.92 -5.46 8.00
HE1 MSE B 303 -15.07 -1.69 7.12
HE2 MSE B 303 -14.51 -3.00 6.41
HE3 MSE B 303 -16.05 -2.92 6.80
N LYS B 304 -14.44 -8.90 11.11
CA LYS B 304 -13.84 -9.61 12.23
C LYS B 304 -13.14 -10.88 11.78
N ALA B 305 -13.69 -11.59 10.79
CA ALA B 305 -13.00 -12.74 10.21
C ALA B 305 -11.66 -12.35 9.59
N ALA B 306 -11.64 -11.25 8.85
CA ALA B 306 -10.39 -10.78 8.29
C ALA B 306 -9.42 -10.39 9.40
N GLY B 307 -9.95 -9.81 10.47
CA GLY B 307 -9.12 -9.48 11.62
C GLY B 307 -8.40 -10.69 12.20
N GLU B 308 -9.08 -11.84 12.27
CA GLU B 308 -8.45 -13.04 12.81
C GLU B 308 -7.23 -13.43 11.98
N GLY B 309 -7.35 -13.36 10.66
CA GLY B 309 -6.21 -13.67 9.82
C GLY B 309 -5.09 -12.67 10.01
N LEU B 310 -5.44 -11.41 10.24
CA LEU B 310 -4.43 -10.41 10.45
C LEU B 310 -3.69 -10.66 11.76
N GLU B 311 -4.39 -11.15 12.80
CA GLU B 311 -3.70 -11.57 14.02
C GLU B 311 -2.67 -12.65 13.74
N LYS B 312 -3.03 -13.65 12.94
CA LYS B 312 -2.10 -14.73 12.61
C LYS B 312 -0.87 -14.19 11.91
N ASP B 313 -1.07 -13.30 10.92
CA ASP B 313 0.04 -12.65 10.24
C ASP B 313 0.96 -11.93 11.21
N TRP B 314 0.38 -11.20 12.18
CA TRP B 314 1.19 -10.46 13.13
C TRP B 314 2.00 -11.42 13.99
N ILE B 315 1.37 -12.51 14.45
CA ILE B 315 2.06 -13.48 15.29
C ILE B 315 3.31 -13.99 14.58
N LYS B 316 3.19 -14.32 13.29
CA LYS B 316 4.38 -14.75 12.55
C LYS B 316 5.44 -13.67 12.49
N SER B 317 5.02 -12.42 12.21
CA SER B 317 5.96 -11.31 12.18
C SER B 317 6.65 -11.14 13.52
N ALA B 318 5.90 -11.24 14.60
CA ALA B 318 6.46 -11.09 15.94
C ALA B 318 7.44 -12.20 16.25
N ASN B 319 7.06 -13.44 15.92
CA ASN B 319 7.95 -14.58 16.11
C ASN B 319 9.28 -14.35 15.41
N ASP B 320 9.23 -13.88 14.16
CA ASP B 320 10.44 -13.66 13.38
C ASP B 320 11.31 -12.58 13.98
N ARG B 321 10.76 -11.72 14.81
CA ARG B 321 11.52 -10.70 15.51
C ARG B 321 11.85 -11.12 16.95
N GLY B 322 11.66 -12.38 17.30
CA GLY B 322 12.12 -12.91 18.56
C GLY B 322 11.15 -12.75 19.69
N LEU B 323 9.90 -12.37 19.40
CA LEU B 323 8.86 -12.28 20.41
C LEU B 323 7.91 -13.45 20.30
N ASP B 324 7.30 -13.80 21.43
CA ASP B 324 6.27 -14.85 21.47
C ASP B 324 4.93 -14.22 21.11
N GLY B 325 4.71 -14.11 19.79
CA GLY B 325 3.57 -13.36 19.29
C GLY B 325 2.25 -13.85 19.86
N ALA B 326 2.04 -15.17 19.84
CA ALA B 326 0.79 -15.73 20.32
C ALA B 326 0.54 -15.39 21.78
N MSE B 327 1.59 -15.42 22.61
CA MSE B 327 1.44 -15.13 24.05
C MSE B 327 1.08 -13.65 24.22
O MSE B 327 0.27 -13.32 25.07
CB MSE B 327 2.72 -15.48 24.81
CG MSE B 327 2.65 -15.21 26.31
SE MSE B 327 3.25 -13.39 26.78
CE MSE B 327 5.16 -13.65 26.40
H MSE B 327 2.40 -15.59 22.37
HA MSE B 327 0.73 -15.69 24.40
HB2 MSE B 327 2.91 -16.43 24.70
HB3 MSE B 327 3.45 -14.95 24.45
HG2 MSE B 327 1.73 -15.31 26.60
HG3 MSE B 327 3.22 -15.84 26.77
HE1 MSE B 327 5.63 -12.82 26.59
HE2 MSE B 327 5.50 -14.36 26.98
HE3 MSE B 327 5.27 -13.89 25.47
N LEU B 328 1.72 -12.78 23.43
CA LEU B 328 1.47 -11.34 23.57
C LEU B 328 0.05 -10.98 23.19
N VAL B 329 -0.47 -11.58 22.12
CA VAL B 329 -1.86 -11.33 21.72
C VAL B 329 -2.82 -11.77 22.82
N LYS B 330 -2.59 -12.96 23.39
CA LYS B 330 -3.48 -13.42 24.44
C LYS B 330 -3.36 -12.53 25.68
N THR B 331 -2.13 -12.12 26.03
CA THR B 331 -1.95 -11.25 27.19
C THR B 331 -2.69 -9.94 26.99
N ALA B 332 -2.60 -9.36 25.80
CA ALA B 332 -3.29 -8.10 25.53
C ALA B 332 -4.79 -8.28 25.66
N LYS B 333 -5.33 -9.36 25.08
CA LYS B 333 -6.77 -9.60 25.19
C LYS B 333 -7.19 -9.77 26.63
N ASP B 334 -6.40 -10.52 27.40
CA ASP B 334 -6.79 -10.79 28.77
C ASP B 334 -6.70 -9.52 29.62
N LEU B 335 -5.69 -8.68 29.35
CA LEU B 335 -5.60 -7.44 30.10
C LEU B 335 -6.77 -6.51 29.76
N ILE B 336 -7.14 -6.44 28.49
CA ILE B 336 -8.29 -5.59 28.15
C ILE B 336 -9.55 -6.12 28.82
N SER B 337 -9.75 -7.44 28.78
CA SER B 337 -10.90 -8.02 29.47
C SER B 337 -10.89 -7.70 30.96
N LYS B 338 -9.70 -7.74 31.58
CA LYS B 338 -9.58 -7.44 33.00
C LYS B 338 -10.11 -6.05 33.32
N TYR B 339 -9.82 -5.06 32.49
CA TYR B 339 -10.18 -3.69 32.80
C TYR B 339 -11.51 -3.24 32.18
N ASP B 340 -12.06 -4.02 31.26
CA ASP B 340 -13.35 -3.68 30.63
C ASP B 340 -14.50 -4.22 31.49
N LYS B 341 -14.65 -3.63 32.66
CA LYS B 341 -15.62 -4.10 33.64
C LYS B 341 -16.72 -3.10 33.83
C1' PHB C . 2.15 -3.50 -25.13
O1' PHB C . 1.28 -4.20 -25.72
O2' PHB C . 3.30 -3.33 -25.63
C1 PHB C . 1.76 -2.78 -23.87
C2 PHB C . 0.51 -3.03 -23.31
C3 PHB C . 0.11 -2.33 -22.20
C4 PHB C . 0.96 -1.38 -21.65
C5 PHB C . 2.21 -1.13 -22.21
C6 PHB C . 2.59 -1.82 -23.34
O4 PHB C . 0.57 -0.65 -20.54
H2 PHB C . -0.06 -3.66 -23.69
H3 PHB C . -0.72 -2.48 -21.81
H5 PHB C . 2.77 -0.48 -21.84
H6 PHB C . 3.42 -1.66 -23.73
HO4 PHB C . 1.01 -0.89 -19.86
C1 PEG D . 1.18 1.27 -6.23
O1 PEG D . 1.45 1.69 -4.92
C2 PEG D . 0.16 2.19 -6.86
O2 PEG D . -0.93 2.36 -6.02
C3 PEG D . -1.89 3.22 -6.59
C4 PEG D . -3.01 3.53 -5.60
O4 PEG D . -2.47 4.10 -4.42
H11 PEG D . 2.00 1.29 -6.74
H12 PEG D . 0.83 0.36 -6.21
HO1 PEG D . 2.06 1.22 -4.58
H21 PEG D . 0.58 3.06 -7.02
H22 PEG D . -0.13 1.82 -7.70
H31 PEG D . -1.47 4.04 -6.86
H32 PEG D . -2.27 2.79 -7.37
H41 PEG D . -3.49 2.72 -5.38
H42 PEG D . -3.63 4.17 -6.00
HO4 PEG D . -3.10 4.34 -3.90
BR BR E . -14.27 -6.06 -23.43
BR BR F . 8.99 2.61 -29.69
BR BR G . -9.19 -3.48 -41.14
C1' PHB H . -3.15 9.34 14.37
O1' PHB H . -1.99 9.50 13.87
O2' PHB H . -4.02 8.59 13.84
C1 PHB H . -3.51 10.10 15.60
C2 PHB H . -4.72 9.87 16.22
C3 PHB H . -5.06 10.59 17.33
C4 PHB H . -4.19 11.56 17.80
C5 PHB H . -2.98 11.81 17.17
C6 PHB H . -2.64 11.06 16.08
O4 PHB H . -4.55 12.30 18.91
H2 PHB H . -5.29 9.22 15.88
H3 PHB H . -5.88 10.44 17.74
H5 PHB H . -2.40 12.46 17.50
H6 PHB H . -1.84 11.22 15.64
HO4 PHB H . -4.39 11.86 19.61
C1 PEG I . -3.60 14.88 33.39
O1 PEG I . -3.50 15.05 34.76
C2 PEG I . -4.96 15.33 32.85
O2 PEG I . -5.68 16.17 33.71
C3 PEG I . -6.99 16.37 33.24
C4 PEG I . -7.65 17.55 33.93
O4 PEG I . -7.57 17.47 35.34
H11 PEG I . -2.90 15.41 32.97
H12 PEG I . -3.45 13.95 33.18
HO1 PEG I . -2.99 14.45 35.09
H21 PEG I . -5.50 14.52 32.69
H22 PEG I . -4.83 15.78 32.00
H31 PEG I . -7.52 15.57 33.40
H32 PEG I . -6.96 16.54 32.28
H41 PEG I . -8.59 17.58 33.68
H42 PEG I . -7.22 18.36 33.64
HO4 PEG I . -7.78 18.22 35.67
C1 PEG J . -15.69 -0.05 22.66
O1 PEG J . -15.93 1.27 23.11
C2 PEG J . -16.47 -0.29 21.37
O2 PEG J . -16.06 0.64 20.41
C3 PEG J . -16.74 0.58 19.17
C4 PEG J . -16.21 1.64 18.18
O4 PEG J . -15.94 2.86 18.82
H11 PEG J . -14.74 -0.16 22.51
H12 PEG J . -16.00 -0.68 23.34
HO1 PEG J . -15.82 1.31 23.95
H21 PEG J . -17.41 -0.19 21.53
H22 PEG J . -16.28 -1.19 21.05
H31 PEG J . -17.69 0.74 19.33
H32 PEG J . -16.63 -0.30 18.79
H41 PEG J . -15.39 1.30 17.78
H42 PEG J . -16.86 1.78 17.48
HO4 PEG J . -15.60 3.41 18.26
C1 PEG K . -3.35 22.37 39.91
O1 PEG K . -3.98 22.33 38.65
C2 PEG K . -4.08 23.31 40.87
O2 PEG K . -3.53 24.60 40.86
C3 PEG K . -4.37 25.64 41.30
C4 PEG K . -4.33 26.81 40.32
O4 PEG K . -5.54 27.52 40.29
H11 PEG K . -3.34 21.48 40.29
H12 PEG K . -2.44 22.67 39.80
HO1 PEG K . -4.43 21.61 38.58
H21 PEG K . -5.02 23.38 40.61
H22 PEG K . -4.02 22.95 41.77
H31 PEG K . -4.09 25.94 42.18
H32 PEG K . -5.29 25.31 41.37
H41 PEG K . -3.62 27.43 40.59
H42 PEG K . -4.13 26.48 39.44
HO4 PEG K . -5.42 28.32 40.54
BR BR L . -19.53 7.12 16.58
BR BR M . 3.85 15.09 9.23
BR BR N . -14.62 9.03 -1.34
#